data_3L8A
#
_entry.id   3L8A
#
_cell.length_a   59.377
_cell.length_b   64.346
_cell.length_c   99.315
_cell.angle_alpha   90.00
_cell.angle_beta   100.93
_cell.angle_gamma   90.00
#
_symmetry.space_group_name_H-M   'P 1 21 1'
#
loop_
_entity.id
_entity.type
_entity.pdbx_description
1 polymer 'Putative aminotransferase, probable beta-cystathionase'
2 non-polymer "PYRIDOXAL-5'-PHOSPHATE"
3 water water
#
_entity_poly.entity_id   1
_entity_poly.type   'polypeptide(L)'
_entity_poly.pdbx_seq_one_letter_code
;MGSSHHHHHHSSGLVPRGSHMASMTGGQQMGRGSMGRYDFTTRPDRLNQFTYKWKTSENNPELLQMWVADMDFLPVPEIK
EAIINYGREHIFGYNYFNDDLYQAVIDWERKEHDYAVVKEDILFIDGVVPAISIALQAFSEKGDAVLINSPVYYPFARTI
RLNDHRLVENSLQIINGRFEIDFEQLEKDIIDNNVKIYLLCSPHNPGGRVWDNDDLIKIAELCKKHGVILVSDEIHQDLA
LFGNTHHSLNTLDASYKDFTIILSSATKTFNIAGTKNSFAIIQNESLRRKFQYRQLANNQHEVPTVGMIATQAAFQYGKP
WLEELKTVIEGNIKLVIKELEAKTKIKVMEPEGTYLVWLDFSAYAIAQPQLSEKLQNEAKVVLNDGAHFGKEGKYFARLN
VATPKNTVQEALSRIISVFGK
;
_entity_poly.pdbx_strand_id   A,B
#
# COMPACT_ATOMS: atom_id res chain seq x y z
N TYR A 38 -9.78 24.11 -18.41
CA TYR A 38 -10.17 22.99 -17.56
C TYR A 38 -11.56 23.17 -16.99
N ASP A 39 -12.17 22.04 -16.62
CA ASP A 39 -13.54 22.02 -16.17
C ASP A 39 -13.63 21.94 -14.65
N PHE A 40 -14.02 23.05 -14.03
CA PHE A 40 -14.24 23.07 -12.58
C PHE A 40 -15.71 23.34 -12.28
N THR A 41 -16.56 23.14 -13.27
CA THR A 41 -17.99 23.38 -13.09
C THR A 41 -18.80 22.09 -13.03
N THR A 42 -18.34 21.08 -13.75
CA THR A 42 -19.00 19.78 -13.71
C THR A 42 -18.72 19.11 -12.38
N ARG A 43 -19.76 18.86 -11.58
CA ARG A 43 -19.57 18.03 -10.41
C ARG A 43 -19.81 16.59 -10.81
N PRO A 44 -18.76 15.78 -10.84
CA PRO A 44 -18.89 14.39 -11.27
C PRO A 44 -19.89 13.65 -10.41
N ASP A 45 -20.70 12.81 -11.05
CA ASP A 45 -21.58 11.92 -10.32
C ASP A 45 -20.75 10.73 -9.85
N ARG A 46 -20.52 10.66 -8.54
CA ARG A 46 -19.69 9.62 -7.96
C ARG A 46 -20.51 8.62 -7.15
N LEU A 47 -21.83 8.68 -7.27
CA LEU A 47 -22.70 7.87 -6.43
C LEU A 47 -22.56 6.37 -6.66
N ASN A 48 -22.15 5.99 -7.87
CA ASN A 48 -21.99 4.57 -8.17
C ASN A 48 -20.54 4.15 -8.22
N GLN A 49 -19.68 4.94 -7.59
CA GLN A 49 -18.25 4.67 -7.60
C GLN A 49 -17.70 4.40 -6.22
N PHE A 50 -18.56 3.93 -5.34
CA PHE A 50 -18.18 3.51 -3.98
C PHE A 50 -17.11 4.42 -3.37
N THR A 51 -17.44 5.70 -3.32
CA THR A 51 -16.52 6.69 -2.74
C THR A 51 -16.78 6.85 -1.25
N TYR A 52 -15.71 7.08 -0.51
CA TYR A 52 -15.84 7.39 0.90
C TYR A 52 -16.71 8.63 1.08
N LYS A 53 -16.45 9.64 0.26
CA LYS A 53 -17.11 10.93 0.40
C LYS A 53 -18.63 10.88 0.23
N TRP A 54 -19.10 10.13 -0.78
CA TRP A 54 -20.52 10.14 -1.13
C TRP A 54 -21.27 8.88 -0.73
N LYS A 55 -20.63 8.02 0.06
CA LYS A 55 -21.24 6.76 0.45
C LYS A 55 -22.67 6.95 0.98
N THR A 56 -22.82 7.84 1.95
CA THR A 56 -24.09 8.09 2.61
CA THR A 56 -24.12 8.01 2.58
C THR A 56 -25.11 8.79 1.71
N SER A 57 -24.65 9.23 0.54
CA SER A 57 -25.54 9.87 -0.42
C SER A 57 -26.03 8.91 -1.50
N GLU A 58 -25.51 7.69 -1.51
CA GLU A 58 -25.84 6.75 -2.58
C GLU A 58 -27.33 6.40 -2.58
N ASN A 59 -27.91 6.31 -1.40
CA ASN A 59 -29.34 6.08 -1.26
C ASN A 59 -30.05 7.35 -0.80
N ASN A 60 -29.42 8.49 -1.07
CA ASN A 60 -29.93 9.79 -0.63
C ASN A 60 -29.21 10.89 -1.41
N PRO A 61 -29.51 10.97 -2.72
CA PRO A 61 -28.78 11.80 -3.69
C PRO A 61 -28.85 13.30 -3.40
N GLU A 62 -29.85 13.73 -2.63
CA GLU A 62 -30.00 15.15 -2.32
C GLU A 62 -29.04 15.60 -1.24
N LEU A 63 -28.42 14.64 -0.55
CA LEU A 63 -27.50 14.96 0.53
C LEU A 63 -26.16 15.40 -0.01
N LEU A 64 -25.77 16.64 0.30
CA LEU A 64 -24.49 17.17 -0.16
C LEU A 64 -23.35 16.79 0.77
N GLN A 65 -22.27 16.30 0.17
CA GLN A 65 -21.11 15.86 0.93
C GLN A 65 -20.00 16.88 0.77
N MET A 66 -19.58 17.44 1.89
CA MET A 66 -18.60 18.51 1.89
C MET A 66 -17.60 18.27 3.00
N TRP A 67 -17.22 17.01 3.20
CA TRP A 67 -16.39 16.69 4.35
C TRP A 67 -15.01 16.18 3.96
N VAL A 68 -14.86 14.87 3.76
CA VAL A 68 -13.56 14.28 3.51
C VAL A 68 -12.80 14.98 2.39
N ALA A 69 -11.48 15.06 2.55
CA ALA A 69 -10.68 15.86 1.64
C ALA A 69 -10.28 15.11 0.38
N ASP A 70 -11.24 14.91 -0.49
CA ASP A 70 -10.94 14.75 -1.90
C ASP A 70 -11.87 15.70 -2.65
N MET A 71 -11.65 15.87 -3.94
CA MET A 71 -12.34 16.89 -4.68
C MET A 71 -13.45 16.32 -5.53
N ASP A 72 -14.49 17.13 -5.70
CA ASP A 72 -15.55 16.81 -6.64
C ASP A 72 -15.38 17.62 -7.92
N PHE A 73 -14.24 17.39 -8.56
CA PHE A 73 -13.97 17.94 -9.87
C PHE A 73 -13.55 16.78 -10.77
N LEU A 74 -13.73 16.96 -12.06
CA LEU A 74 -13.21 16.03 -13.04
C LEU A 74 -11.69 15.95 -12.90
N PRO A 75 -11.10 14.81 -13.26
CA PRO A 75 -9.65 14.65 -13.08
C PRO A 75 -8.83 15.55 -13.98
N VAL A 76 -7.60 15.79 -13.60
CA VAL A 76 -6.66 16.45 -14.50
C VAL A 76 -6.62 15.61 -15.78
N PRO A 77 -6.82 16.24 -16.93
CA PRO A 77 -6.88 15.44 -18.17
C PRO A 77 -5.69 14.51 -18.36
N GLU A 78 -4.47 14.99 -18.14
CA GLU A 78 -3.29 14.17 -18.38
C GLU A 78 -3.17 13.02 -17.38
N ILE A 79 -3.70 13.21 -16.18
CA ILE A 79 -3.68 12.14 -15.18
C ILE A 79 -4.65 11.06 -15.62
N LYS A 80 -5.86 11.47 -15.96
CA LYS A 80 -6.86 10.54 -16.48
C LYS A 80 -6.29 9.78 -17.66
N GLU A 81 -5.66 10.50 -18.59
CA GLU A 81 -5.10 9.87 -19.78
C GLU A 81 -4.05 8.82 -19.40
N ALA A 82 -3.22 9.16 -18.43
CA ALA A 82 -2.15 8.26 -18.01
C ALA A 82 -2.71 6.99 -17.37
N ILE A 83 -3.75 7.13 -16.56
CA ILE A 83 -4.36 5.98 -15.91
C ILE A 83 -5.08 5.11 -16.94
N ILE A 84 -5.81 5.74 -17.86
CA ILE A 84 -6.42 4.98 -18.93
C ILE A 84 -5.37 4.20 -19.71
N ASN A 85 -4.27 4.87 -20.02
CA ASN A 85 -3.22 4.20 -20.80
CA ASN A 85 -3.15 4.26 -20.75
C ASN A 85 -2.60 3.04 -20.03
N TYR A 86 -2.51 3.16 -18.71
CA TYR A 86 -2.07 2.03 -17.89
C TYR A 86 -3.01 0.86 -18.12
N GLY A 87 -4.31 1.12 -18.07
CA GLY A 87 -5.28 0.07 -18.29
C GLY A 87 -5.18 -0.51 -19.68
N ARG A 88 -4.98 0.34 -20.67
CA ARG A 88 -4.99 -0.08 -22.06
C ARG A 88 -3.73 -0.84 -22.49
N GLU A 89 -2.61 -0.52 -21.87
CA GLU A 89 -1.31 -0.97 -22.38
C GLU A 89 -0.53 -1.90 -21.47
N HIS A 90 -0.67 -1.72 -20.15
CA HIS A 90 0.20 -2.42 -19.22
C HIS A 90 -0.24 -3.84 -18.90
N ILE A 91 0.75 -4.68 -18.59
CA ILE A 91 0.49 -5.93 -17.90
C ILE A 91 0.55 -5.54 -16.43
N PHE A 92 -0.41 -6.00 -15.65
CA PHE A 92 -0.59 -5.44 -14.31
C PHE A 92 0.27 -6.08 -13.22
N GLY A 93 1.52 -6.40 -13.57
CA GLY A 93 2.46 -7.03 -12.65
C GLY A 93 3.26 -6.02 -11.84
N TYR A 94 4.48 -6.40 -11.48
CA TYR A 94 5.32 -5.55 -10.64
C TYR A 94 6.04 -4.49 -11.46
N ASN A 95 6.22 -3.32 -10.86
CA ASN A 95 6.94 -2.25 -11.53
C ASN A 95 7.94 -1.62 -10.58
N TYR A 96 8.99 -1.02 -11.14
CA TYR A 96 9.91 -0.25 -10.33
C TYR A 96 9.64 1.24 -10.48
N PHE A 97 10.19 2.02 -9.56
CA PHE A 97 10.09 3.46 -9.64
C PHE A 97 11.06 3.95 -10.72
N ASN A 98 10.53 4.43 -11.83
CA ASN A 98 11.38 4.80 -12.95
C ASN A 98 11.97 6.19 -12.79
N ASP A 99 12.99 6.48 -13.59
CA ASP A 99 13.72 7.74 -13.46
C ASP A 99 12.83 8.94 -13.70
N ASP A 100 11.85 8.80 -14.59
CA ASP A 100 10.96 9.92 -14.91
C ASP A 100 10.09 10.27 -13.70
N LEU A 101 9.71 9.27 -12.93
CA LEU A 101 8.92 9.53 -11.72
C LEU A 101 9.76 10.31 -10.73
N TYR A 102 10.98 9.84 -10.46
CA TYR A 102 11.86 10.58 -9.58
C TYR A 102 12.05 11.99 -10.11
N GLN A 103 12.31 12.11 -11.40
CA GLN A 103 12.61 13.41 -11.97
C GLN A 103 11.41 14.34 -11.81
N ALA A 104 10.21 13.79 -11.97
CA ALA A 104 9.01 14.58 -11.81
C ALA A 104 8.95 15.18 -10.42
N VAL A 105 9.26 14.39 -9.40
CA VAL A 105 9.25 14.88 -8.04
C VAL A 105 10.36 15.89 -7.80
N ILE A 106 11.57 15.57 -8.28
CA ILE A 106 12.69 16.48 -8.15
C ILE A 106 12.34 17.82 -8.77
N ASP A 107 11.82 17.77 -9.99
CA ASP A 107 11.45 18.99 -10.72
C ASP A 107 10.36 19.76 -9.99
N TRP A 108 9.36 19.04 -9.50
CA TRP A 108 8.26 19.67 -8.79
C TRP A 108 8.80 20.38 -7.54
N GLU A 109 9.64 19.66 -6.80
CA GLU A 109 10.16 20.20 -5.56
C GLU A 109 11.00 21.45 -5.83
N ARG A 110 11.80 21.39 -6.89
CA ARG A 110 12.64 22.54 -7.24
C ARG A 110 11.80 23.72 -7.69
N LYS A 111 10.94 23.50 -8.68
CA LYS A 111 10.19 24.59 -9.30
C LYS A 111 9.10 25.16 -8.40
N GLU A 112 8.37 24.29 -7.71
CA GLU A 112 7.24 24.72 -6.92
C GLU A 112 7.58 25.12 -5.51
N HIS A 113 8.72 24.65 -5.01
CA HIS A 113 9.02 24.83 -3.60
C HIS A 113 10.47 25.20 -3.31
N ASP A 114 11.26 25.39 -4.36
CA ASP A 114 12.65 25.82 -4.20
CA ASP A 114 12.65 25.80 -4.22
C ASP A 114 13.41 24.86 -3.29
N TYR A 115 13.07 23.57 -3.38
CA TYR A 115 13.72 22.56 -2.59
C TYR A 115 14.47 21.64 -3.53
N ALA A 116 15.80 21.76 -3.52
CA ALA A 116 16.66 20.96 -4.38
C ALA A 116 16.94 19.62 -3.72
N VAL A 117 16.42 18.56 -4.32
CA VAL A 117 16.64 17.23 -3.79
C VAL A 117 17.13 16.34 -4.92
N VAL A 118 17.78 15.24 -4.54
CA VAL A 118 18.23 14.27 -5.52
C VAL A 118 17.45 12.97 -5.36
N LYS A 119 17.60 12.10 -6.34
CA LYS A 119 16.86 10.84 -6.37
C LYS A 119 16.95 10.07 -5.06
N GLU A 120 18.15 10.00 -4.48
CA GLU A 120 18.36 9.19 -3.29
C GLU A 120 17.63 9.75 -2.08
N ASP A 121 17.22 11.02 -2.15
CA ASP A 121 16.51 11.66 -1.05
C ASP A 121 15.05 11.29 -1.02
N ILE A 122 14.55 10.76 -2.13
CA ILE A 122 13.11 10.58 -2.32
C ILE A 122 12.68 9.14 -2.09
N LEU A 123 11.81 8.96 -1.10
CA LEU A 123 11.25 7.64 -0.82
C LEU A 123 9.78 7.64 -1.13
N PHE A 124 9.35 6.69 -1.95
CA PHE A 124 7.94 6.59 -2.25
C PHE A 124 7.25 5.65 -1.26
N ILE A 125 6.05 6.02 -0.87
CA ILE A 125 5.26 5.24 0.07
C ILE A 125 3.80 5.45 -0.31
N ASP A 126 2.96 4.47 -0.04
CA ASP A 126 1.54 4.50 -0.43
CA ASP A 126 1.59 4.56 -0.54
C ASP A 126 0.82 5.77 -0.01
N GLY A 127 1.23 6.32 1.12
CA GLY A 127 0.54 7.50 1.62
C GLY A 127 1.33 8.23 2.67
N VAL A 128 0.91 9.45 2.94
CA VAL A 128 1.59 10.26 3.94
C VAL A 128 1.37 9.71 5.35
N VAL A 129 0.17 9.23 5.64
CA VAL A 129 -0.03 8.71 6.98
C VAL A 129 0.76 7.41 7.23
N PRO A 130 0.82 6.52 6.22
CA PRO A 130 1.77 5.41 6.36
C PRO A 130 3.17 5.92 6.68
N ALA A 131 3.59 6.98 6.00
CA ALA A 131 4.92 7.54 6.23
C ALA A 131 5.06 8.06 7.65
N ILE A 132 3.98 8.60 8.21
CA ILE A 132 3.98 9.04 9.59
C ILE A 132 4.18 7.86 10.53
N SER A 133 3.47 6.76 10.28
CA SER A 133 3.68 5.55 11.07
C SER A 133 5.13 5.13 11.04
N ILE A 134 5.71 5.08 9.85
CA ILE A 134 7.09 4.67 9.70
C ILE A 134 8.00 5.61 10.48
N ALA A 135 7.75 6.92 10.36
CA ALA A 135 8.57 7.91 11.04
C ALA A 135 8.51 7.72 12.56
N LEU A 136 7.30 7.55 13.09
CA LEU A 136 7.17 7.35 14.53
C LEU A 136 7.96 6.11 14.95
N GLN A 137 7.83 5.04 14.17
CA GLN A 137 8.43 3.77 14.51
C GLN A 137 9.94 3.78 14.33
N ALA A 138 10.43 4.58 13.38
CA ALA A 138 11.85 4.58 13.08
C ALA A 138 12.63 5.60 13.89
N PHE A 139 11.96 6.67 14.31
CA PHE A 139 12.66 7.81 14.89
C PHE A 139 12.45 7.97 16.38
N SER A 140 11.69 7.07 16.98
CA SER A 140 11.49 7.10 18.41
C SER A 140 11.28 5.70 18.96
N GLU A 141 11.30 5.60 20.29
CA GLU A 141 11.12 4.32 20.96
C GLU A 141 9.75 4.25 21.58
N LYS A 142 9.30 3.02 21.86
CA LYS A 142 7.98 2.83 22.45
C LYS A 142 7.83 3.71 23.68
N GLY A 143 6.71 4.43 23.74
CA GLY A 143 6.40 5.28 24.88
C GLY A 143 6.87 6.71 24.74
N ASP A 144 7.76 6.97 23.79
CA ASP A 144 8.30 8.31 23.61
C ASP A 144 7.19 9.29 23.30
N ALA A 145 7.30 10.50 23.83
CA ALA A 145 6.29 11.53 23.59
C ALA A 145 6.38 12.08 22.17
N VAL A 146 5.22 12.26 21.56
CA VAL A 146 5.14 12.85 20.23
C VAL A 146 4.20 14.04 20.31
N LEU A 147 4.64 15.17 19.79
CA LEU A 147 3.87 16.40 19.91
C LEU A 147 3.21 16.76 18.59
N ILE A 148 1.97 17.23 18.69
CA ILE A 148 1.27 17.82 17.56
C ILE A 148 0.65 19.13 18.01
N ASN A 149 0.31 19.97 17.04
CA ASN A 149 -0.46 21.17 17.32
C ASN A 149 -1.93 20.87 17.10
N SER A 150 -2.72 21.00 18.17
CA SER A 150 -4.14 20.69 18.07
C SER A 150 -4.95 21.97 17.94
N PRO A 151 -6.09 21.91 17.24
CA PRO A 151 -6.67 20.72 16.61
C PRO A 151 -5.98 20.44 15.28
N VAL A 152 -5.90 19.17 14.91
CA VAL A 152 -5.20 18.81 13.69
C VAL A 152 -5.74 17.50 13.15
N TYR A 153 -5.61 17.32 11.85
CA TYR A 153 -5.86 16.06 11.16
C TYR A 153 -5.87 14.86 12.10
N TYR A 154 -7.04 14.23 12.22
CA TYR A 154 -7.24 13.18 13.22
C TYR A 154 -6.23 12.04 13.17
N PRO A 155 -5.85 11.59 11.97
CA PRO A 155 -4.88 10.48 11.94
C PRO A 155 -3.56 10.78 12.65
N PHE A 156 -3.25 12.04 12.92
CA PHE A 156 -2.06 12.35 13.71
C PHE A 156 -2.20 11.74 15.09
N ALA A 157 -3.22 12.19 15.83
CA ALA A 157 -3.41 11.71 17.19
C ALA A 157 -3.64 10.21 17.20
N ARG A 158 -4.45 9.72 16.26
CA ARG A 158 -4.75 8.30 16.19
C ARG A 158 -3.47 7.47 16.06
N THR A 159 -2.63 7.88 15.12
CA THR A 159 -1.43 7.11 14.82
C THR A 159 -0.44 7.16 15.98
N ILE A 160 -0.36 8.31 16.64
CA ILE A 160 0.50 8.43 17.80
C ILE A 160 0.03 7.50 18.91
N ARG A 161 -1.27 7.51 19.19
CA ARG A 161 -1.81 6.67 20.26
C ARG A 161 -1.66 5.18 19.97
N LEU A 162 -1.95 4.78 18.73
CA LEU A 162 -1.94 3.37 18.37
C LEU A 162 -0.53 2.80 18.36
N ASN A 163 0.47 3.68 18.34
CA ASN A 163 1.84 3.25 18.33
C ASN A 163 2.52 3.38 19.70
N ASP A 164 1.71 3.46 20.74
CA ASP A 164 2.21 3.41 22.11
C ASP A 164 3.09 4.61 22.41
N HIS A 165 2.63 5.79 22.02
CA HIS A 165 3.38 7.00 22.32
C HIS A 165 2.55 7.91 23.21
N ARG A 166 3.22 8.63 24.11
CA ARG A 166 2.56 9.67 24.88
C ARG A 166 2.23 10.79 23.91
N LEU A 167 0.94 11.11 23.78
CA LEU A 167 0.51 12.18 22.91
C LEU A 167 0.57 13.51 23.64
N VAL A 168 1.29 14.47 23.07
CA VAL A 168 1.31 15.83 23.58
C VAL A 168 0.64 16.75 22.57
N GLU A 169 -0.48 17.32 22.98
CA GLU A 169 -1.22 18.23 22.12
C GLU A 169 -0.97 19.67 22.54
N ASN A 170 -0.19 20.38 21.73
CA ASN A 170 0.04 21.79 21.94
C ASN A 170 -1.10 22.55 21.29
N SER A 171 -1.97 23.14 22.10
CA SER A 171 -3.17 23.77 21.59
C SER A 171 -2.85 25.07 20.87
N LEU A 172 -3.27 25.17 19.61
CA LEU A 172 -3.11 26.40 18.86
C LEU A 172 -4.05 27.46 19.41
N GLN A 173 -3.67 28.72 19.24
CA GLN A 173 -4.51 29.84 19.62
C GLN A 173 -5.15 30.40 18.37
N ILE A 174 -6.37 30.91 18.50
CA ILE A 174 -6.99 31.61 17.38
C ILE A 174 -6.87 33.11 17.64
N ILE A 175 -6.01 33.75 16.87
CA ILE A 175 -5.76 35.17 17.04
C ILE A 175 -5.97 35.89 15.72
N ASN A 176 -6.86 36.88 15.72
CA ASN A 176 -7.19 37.60 14.50
C ASN A 176 -7.59 36.66 13.38
N GLY A 177 -8.43 35.68 13.71
CA GLY A 177 -9.01 34.80 12.71
C GLY A 177 -8.08 33.77 12.10
N ARG A 178 -6.92 33.55 12.71
CA ARG A 178 -6.05 32.47 12.24
C ARG A 178 -5.32 31.79 13.38
N PHE A 179 -4.89 30.57 13.13
CA PHE A 179 -4.18 29.81 14.14
C PHE A 179 -2.80 30.39 14.37
N GLU A 180 -2.41 30.47 15.63
CA GLU A 180 -1.05 30.88 15.98
C GLU A 180 -0.53 29.95 17.06
N ILE A 181 0.78 29.71 17.02
CA ILE A 181 1.41 28.87 18.03
C ILE A 181 1.82 29.70 19.24
N ASP A 182 1.48 29.20 20.42
CA ASP A 182 2.01 29.76 21.65
C ASP A 182 3.38 29.13 21.87
N PHE A 183 4.43 29.83 21.44
CA PHE A 183 5.78 29.26 21.47
C PHE A 183 6.32 29.04 22.87
N GLU A 184 5.88 29.87 23.81
CA GLU A 184 6.23 29.66 25.21
C GLU A 184 5.69 28.32 25.69
N GLN A 185 4.41 28.06 25.42
CA GLN A 185 3.81 26.80 25.81
C GLN A 185 4.42 25.65 25.02
N LEU A 186 4.64 25.87 23.73
CA LEU A 186 5.22 24.85 22.86
C LEU A 186 6.56 24.35 23.41
N GLU A 187 7.44 25.27 23.78
CA GLU A 187 8.73 24.86 24.33
C GLU A 187 8.54 24.12 25.65
N LYS A 188 7.59 24.60 26.44
CA LYS A 188 7.26 23.95 27.70
C LYS A 188 6.75 22.52 27.44
N ASP A 189 5.88 22.37 26.46
CA ASP A 189 5.34 21.07 26.10
C ASP A 189 6.45 20.12 25.70
N ILE A 190 7.41 20.64 24.95
CA ILE A 190 8.52 19.83 24.48
C ILE A 190 9.40 19.38 25.63
N ILE A 191 9.76 20.33 26.49
CA ILE A 191 10.65 20.03 27.61
C ILE A 191 9.98 19.15 28.66
N ASP A 192 8.79 19.55 29.09
CA ASP A 192 8.08 18.87 30.18
C ASP A 192 7.76 17.42 29.84
N ASN A 193 7.59 17.12 28.55
CA ASN A 193 7.20 15.79 28.12
C ASN A 193 8.33 15.01 27.45
N ASN A 194 9.52 15.60 27.42
CA ASN A 194 10.66 15.00 26.75
C ASN A 194 10.27 14.54 25.36
N VAL A 195 9.66 15.46 24.61
CA VAL A 195 9.18 15.17 23.26
C VAL A 195 10.30 14.73 22.35
N LYS A 196 10.09 13.61 21.64
CA LYS A 196 11.11 13.06 20.77
C LYS A 196 10.82 13.31 19.30
N ILE A 197 9.54 13.43 18.98
CA ILE A 197 9.11 13.74 17.63
C ILE A 197 8.06 14.83 17.64
N TYR A 198 8.23 15.81 16.76
CA TYR A 198 7.23 16.84 16.55
C TYR A 198 6.60 16.53 15.21
N LEU A 199 5.34 16.15 15.22
CA LEU A 199 4.61 15.89 13.98
C LEU A 199 3.90 17.17 13.57
N LEU A 200 4.45 17.82 12.56
CA LEU A 200 3.99 19.15 12.15
C LEU A 200 3.09 19.04 10.94
N CYS A 201 2.02 19.82 10.93
CA CYS A 201 1.15 19.91 9.77
C CYS A 201 1.37 21.27 9.12
N SER A 202 1.92 21.26 7.91
CA SER A 202 2.29 22.50 7.26
C SER A 202 2.12 22.40 5.75
N PRO A 203 1.07 23.03 5.20
CA PRO A 203 0.05 23.84 5.87
C PRO A 203 -0.76 23.03 6.86
N HIS A 204 -1.29 23.71 7.86
CA HIS A 204 -2.02 23.08 8.93
C HIS A 204 -3.48 22.84 8.57
N ASN A 205 -3.91 21.60 8.81
CA ASN A 205 -5.27 21.14 8.55
C ASN A 205 -5.83 20.61 9.87
N PRO A 206 -6.95 21.17 10.35
CA PRO A 206 -7.79 22.17 9.69
C PRO A 206 -7.31 23.60 9.96
N GLY A 207 -8.07 24.55 9.44
CA GLY A 207 -7.71 25.95 9.57
C GLY A 207 -7.05 26.46 8.31
N GLY A 208 -6.17 25.63 7.73
CA GLY A 208 -5.51 25.97 6.50
C GLY A 208 -4.38 26.97 6.71
N ARG A 209 -3.69 26.86 7.83
CA ARG A 209 -2.66 27.81 8.19
C ARG A 209 -1.40 27.52 7.38
N VAL A 210 -0.94 28.52 6.63
CA VAL A 210 0.31 28.39 5.90
C VAL A 210 1.36 29.12 6.71
N TRP A 211 2.08 28.38 7.55
CA TRP A 211 2.97 28.98 8.54
C TRP A 211 3.94 29.97 7.92
N ASP A 212 4.17 31.09 8.62
CA ASP A 212 5.15 32.06 8.16
C ASP A 212 6.54 31.49 8.34
N ASN A 213 7.50 31.98 7.57
CA ASN A 213 8.88 31.54 7.71
C ASN A 213 9.32 31.62 9.17
N ASP A 214 8.95 32.70 9.85
CA ASP A 214 9.33 32.89 11.25
C ASP A 214 8.77 31.79 12.16
N ASP A 215 7.53 31.39 11.91
CA ASP A 215 6.91 30.30 12.67
C ASP A 215 7.71 29.03 12.52
N LEU A 216 8.01 28.70 11.27
CA LEU A 216 8.68 27.45 10.97
C LEU A 216 10.12 27.43 11.48
N ILE A 217 10.80 28.57 11.37
CA ILE A 217 12.14 28.68 11.92
C ILE A 217 12.11 28.45 13.44
N LYS A 218 11.15 29.07 14.13
CA LYS A 218 11.04 28.89 15.57
C LYS A 218 10.80 27.43 15.91
N ILE A 219 9.88 26.79 15.19
CA ILE A 219 9.61 25.37 15.37
C ILE A 219 10.88 24.56 15.20
N ALA A 220 11.56 24.77 14.08
CA ALA A 220 12.77 24.02 13.78
C ALA A 220 13.85 24.26 14.82
N GLU A 221 13.98 25.51 15.27
CA GLU A 221 15.00 25.84 16.26
C GLU A 221 14.70 25.19 17.60
N LEU A 222 13.41 25.07 17.94
CA LEU A 222 13.02 24.36 19.16
C LEU A 222 13.39 22.89 19.05
N CYS A 223 13.14 22.31 17.89
CA CYS A 223 13.46 20.91 17.69
C CYS A 223 14.97 20.67 17.76
N LYS A 224 15.73 21.53 17.10
CA LYS A 224 17.18 21.44 17.13
C LYS A 224 17.69 21.57 18.55
N LYS A 225 17.16 22.56 19.26
CA LYS A 225 17.57 22.84 20.64
C LYS A 225 17.32 21.64 21.55
N HIS A 226 16.18 21.00 21.38
CA HIS A 226 15.74 19.97 22.31
C HIS A 226 15.87 18.53 21.78
N GLY A 227 16.61 18.36 20.69
CA GLY A 227 16.88 17.05 20.15
C GLY A 227 15.63 16.33 19.70
N VAL A 228 14.73 17.08 19.07
CA VAL A 228 13.47 16.54 18.59
C VAL A 228 13.57 16.29 17.09
N ILE A 229 13.04 15.16 16.64
CA ILE A 229 12.94 14.90 15.21
C ILE A 229 11.64 15.52 14.71
N LEU A 230 11.76 16.31 13.64
CA LEU A 230 10.63 17.06 13.12
C LEU A 230 10.12 16.36 11.87
N VAL A 231 8.87 15.93 11.92
CA VAL A 231 8.26 15.30 10.75
C VAL A 231 7.26 16.31 10.18
N SER A 232 7.58 16.86 9.03
CA SER A 232 6.77 17.92 8.45
C SER A 232 5.83 17.35 7.41
N ASP A 233 4.56 17.25 7.78
CA ASP A 233 3.53 16.77 6.87
C ASP A 233 3.10 17.93 6.00
N GLU A 234 3.63 17.97 4.79
CA GLU A 234 3.42 19.07 3.89
C GLU A 234 2.57 18.61 2.71
N ILE A 235 1.63 17.73 3.00
CA ILE A 235 0.78 17.22 1.93
C ILE A 235 -0.05 18.33 1.25
N HIS A 236 -0.34 19.41 1.99
CA HIS A 236 -1.10 20.52 1.39
C HIS A 236 -0.21 21.60 0.80
N GLN A 237 1.06 21.28 0.56
CA GLN A 237 2.05 22.31 0.22
C GLN A 237 1.80 23.04 -1.11
N ASP A 238 1.03 22.43 -1.99
CA ASP A 238 0.75 23.05 -3.28
C ASP A 238 -0.51 23.90 -3.25
N LEU A 239 -1.15 23.95 -2.09
CA LEU A 239 -2.45 24.59 -1.98
C LEU A 239 -2.43 25.86 -1.13
N ALA A 240 -1.29 26.54 -1.10
CA ALA A 240 -1.25 27.86 -0.49
C ALA A 240 -2.05 28.82 -1.37
N LEU A 241 -2.91 29.61 -0.75
CA LEU A 241 -3.80 30.49 -1.49
C LEU A 241 -3.54 31.96 -1.17
N PHE A 242 -4.21 32.83 -1.90
CA PHE A 242 -4.29 34.24 -1.55
C PHE A 242 -2.92 34.92 -1.47
N GLY A 243 -1.99 34.45 -2.28
CA GLY A 243 -0.68 35.06 -2.35
C GLY A 243 0.25 34.60 -1.25
N ASN A 244 -0.21 33.64 -0.44
CA ASN A 244 0.63 33.06 0.59
C ASN A 244 1.64 32.12 -0.02
N THR A 245 2.74 31.92 0.68
CA THR A 245 3.81 31.08 0.17
C THR A 245 4.11 29.96 1.15
N HIS A 246 3.99 28.73 0.68
CA HIS A 246 4.40 27.60 1.49
C HIS A 246 5.92 27.56 1.58
N HIS A 247 6.43 27.41 2.79
CA HIS A 247 7.86 27.26 2.98
C HIS A 247 8.18 25.86 3.43
N SER A 248 8.68 25.05 2.49
CA SER A 248 9.01 23.68 2.84
C SER A 248 10.13 23.72 3.88
N LEU A 249 9.99 22.93 4.93
CA LEU A 249 10.78 23.11 6.15
C LEU A 249 12.29 23.19 5.89
N ASN A 250 12.82 22.25 5.13
CA ASN A 250 14.26 22.18 4.94
C ASN A 250 14.87 23.23 4.01
N THR A 251 14.01 24.03 3.39
CA THR A 251 14.50 25.12 2.55
C THR A 251 14.90 26.32 3.40
N LEU A 252 14.50 26.30 4.67
CA LEU A 252 14.68 27.47 5.53
C LEU A 252 16.09 27.60 6.09
N ASP A 253 16.78 26.48 6.21
CA ASP A 253 18.07 26.47 6.88
C ASP A 253 18.73 25.13 6.57
N ALA A 254 20.00 25.18 6.15
CA ALA A 254 20.70 23.97 5.72
C ALA A 254 20.89 22.95 6.83
N SER A 255 20.71 23.37 8.07
CA SER A 255 20.89 22.48 9.21
C SER A 255 19.64 21.67 9.51
N TYR A 256 18.50 22.10 8.98
CA TYR A 256 17.25 21.50 9.40
C TYR A 256 17.09 20.05 8.94
N LYS A 257 17.66 19.72 7.78
CA LYS A 257 17.60 18.36 7.28
C LYS A 257 18.25 17.36 8.24
N ASP A 258 19.07 17.85 9.16
CA ASP A 258 19.71 16.97 10.13
C ASP A 258 18.68 16.24 10.99
N PHE A 259 17.50 16.82 11.17
CA PHE A 259 16.51 16.26 12.07
C PHE A 259 15.09 16.38 11.53
N THR A 260 14.97 16.81 10.29
CA THR A 260 13.66 17.07 9.70
C THR A 260 13.44 16.26 8.45
N ILE A 261 12.29 15.60 8.38
CA ILE A 261 11.91 14.96 7.14
C ILE A 261 10.66 15.62 6.58
N ILE A 262 10.52 15.58 5.27
CA ILE A 262 9.40 16.21 4.60
C ILE A 262 8.52 15.13 4.01
N LEU A 263 7.25 15.19 4.35
CA LEU A 263 6.28 14.27 3.75
C LEU A 263 5.35 15.06 2.85
N SER A 264 5.19 14.61 1.63
CA SER A 264 4.19 15.23 0.78
C SER A 264 3.70 14.27 -0.27
N SER A 265 2.97 14.79 -1.23
CA SER A 265 2.33 13.92 -2.19
C SER A 265 1.77 14.76 -3.31
N ALA A 266 1.39 14.07 -4.38
CA ALA A 266 0.59 14.69 -5.43
C ALA A 266 -0.90 14.53 -5.16
N THR A 267 -1.26 13.72 -4.16
CA THR A 267 -2.66 13.29 -4.03
C THR A 267 -3.62 14.37 -3.56
N LYS A 268 -3.23 15.19 -2.60
CA LYS A 268 -4.12 16.27 -2.18
C LYS A 268 -4.19 17.34 -3.27
N THR A 269 -3.04 17.70 -3.83
CA THR A 269 -2.99 18.72 -4.87
C THR A 269 -3.86 18.38 -6.07
N PHE A 270 -3.83 17.12 -6.49
CA PHE A 270 -4.40 16.74 -7.78
C PHE A 270 -5.53 15.74 -7.69
N ASN A 271 -5.97 15.47 -6.46
CA ASN A 271 -7.14 14.63 -6.22
C ASN A 271 -6.92 13.22 -6.71
N ILE A 272 -5.81 12.64 -6.31
CA ILE A 272 -5.50 11.27 -6.74
C ILE A 272 -5.18 10.37 -5.55
N ALA A 273 -5.86 10.62 -4.43
CA ALA A 273 -5.63 9.84 -3.21
C ALA A 273 -5.81 8.35 -3.41
N GLY A 274 -6.71 7.97 -4.32
CA GLY A 274 -7.00 6.55 -4.53
C GLY A 274 -5.90 5.81 -5.24
N THR A 275 -4.94 6.55 -5.78
CA THR A 275 -3.81 5.94 -6.50
C THR A 275 -2.66 5.55 -5.58
N LYS A 276 -2.72 6.02 -4.34
CA LYS A 276 -1.83 5.54 -3.28
C LYS A 276 -0.35 5.65 -3.58
N ASN A 277 0.11 6.86 -3.84
CA ASN A 277 1.54 7.12 -3.88
C ASN A 277 1.76 8.49 -3.31
N SER A 278 2.85 8.62 -2.55
CA SER A 278 3.25 9.85 -1.90
C SER A 278 4.75 9.72 -1.70
N PHE A 279 5.38 10.74 -1.15
CA PHE A 279 6.81 10.65 -0.97
C PHE A 279 7.27 11.26 0.34
N ALA A 280 8.36 10.71 0.85
CA ALA A 280 9.08 11.29 1.95
C ALA A 280 10.38 11.78 1.37
N ILE A 281 10.81 12.96 1.78
CA ILE A 281 12.12 13.45 1.39
C ILE A 281 12.97 13.49 2.64
N ILE A 282 14.02 12.68 2.62
CA ILE A 282 14.90 12.58 3.78
C ILE A 282 16.33 12.74 3.29
N GLN A 283 16.87 13.94 3.46
CA GLN A 283 18.23 14.22 3.01
C GLN A 283 19.29 13.66 3.95
N ASN A 284 18.97 13.58 5.23
CA ASN A 284 19.88 12.99 6.20
C ASN A 284 19.97 11.49 6.01
N GLU A 285 21.15 11.01 5.63
CA GLU A 285 21.32 9.61 5.28
C GLU A 285 20.96 8.68 6.42
N SER A 286 21.36 9.05 7.64
CA SER A 286 21.09 8.21 8.79
C SER A 286 19.59 8.07 9.06
N LEU A 287 18.88 9.20 9.08
CA LEU A 287 17.43 9.19 9.21
C LEU A 287 16.79 8.43 8.06
N ARG A 288 17.32 8.63 6.85
CA ARG A 288 16.75 7.99 5.68
C ARG A 288 16.83 6.48 5.80
N ARG A 289 17.99 5.98 6.20
CA ARG A 289 18.14 4.53 6.29
C ARG A 289 17.27 3.95 7.39
N LYS A 290 17.11 4.67 8.49
CA LYS A 290 16.22 4.24 9.56
C LYS A 290 14.80 4.14 9.02
N PHE A 291 14.38 5.15 8.29
CA PHE A 291 13.05 5.15 7.70
C PHE A 291 12.92 3.96 6.74
N GLN A 292 13.91 3.78 5.88
CA GLN A 292 13.86 2.70 4.91
C GLN A 292 13.82 1.33 5.56
N TYR A 293 14.58 1.15 6.64
CA TYR A 293 14.54 -0.11 7.37
C TYR A 293 13.15 -0.41 7.88
N ARG A 294 12.52 0.57 8.53
CA ARG A 294 11.18 0.36 9.07
C ARG A 294 10.19 0.16 7.93
N GLN A 295 10.37 0.92 6.86
CA GLN A 295 9.49 0.78 5.71
C GLN A 295 9.55 -0.65 5.17
N LEU A 296 10.76 -1.19 5.09
CA LEU A 296 10.95 -2.54 4.57
C LEU A 296 10.42 -3.56 5.57
N ALA A 297 10.64 -3.29 6.86
CA ALA A 297 10.18 -4.18 7.92
C ALA A 297 8.66 -4.33 7.86
N ASN A 298 7.97 -3.23 7.59
CA ASN A 298 6.52 -3.22 7.48
C ASN A 298 6.06 -3.63 6.10
N ASN A 299 7.01 -3.83 5.19
CA ASN A 299 6.68 -4.10 3.79
C ASN A 299 5.81 -3.00 3.20
N GLN A 300 6.19 -1.77 3.48
CA GLN A 300 5.54 -0.59 2.94
C GLN A 300 6.41 0.06 1.88
N HIS A 301 7.35 -0.70 1.33
CA HIS A 301 8.32 -0.15 0.39
C HIS A 301 7.76 -0.16 -1.03
N GLU A 302 6.58 -0.74 -1.19
CA GLU A 302 5.98 -0.84 -2.51
C GLU A 302 4.73 0.02 -2.58
N VAL A 303 4.42 0.53 -3.78
CA VAL A 303 3.19 1.26 -4.04
C VAL A 303 2.58 0.80 -5.37
N PRO A 304 1.28 1.04 -5.58
CA PRO A 304 0.67 0.58 -6.82
C PRO A 304 1.21 1.32 -8.03
N THR A 305 1.33 0.61 -9.14
CA THR A 305 1.84 1.22 -10.35
C THR A 305 0.99 2.41 -10.80
N VAL A 306 -0.32 2.33 -10.60
CA VAL A 306 -1.17 3.45 -10.96
C VAL A 306 -0.77 4.71 -10.18
N GLY A 307 -0.24 4.52 -8.98
CA GLY A 307 0.22 5.63 -8.16
C GLY A 307 1.52 6.23 -8.68
N MET A 308 2.41 5.38 -9.17
CA MET A 308 3.62 5.87 -9.82
C MET A 308 3.24 6.70 -11.03
N ILE A 309 2.36 6.14 -11.84
CA ILE A 309 1.95 6.77 -13.08
C ILE A 309 1.20 8.08 -12.85
N ALA A 310 0.27 8.07 -11.89
CA ALA A 310 -0.54 9.25 -11.61
C ALA A 310 0.30 10.38 -11.01
N THR A 311 1.19 10.02 -10.09
CA THR A 311 2.07 11.03 -9.50
C THR A 311 2.96 11.66 -10.57
N GLN A 312 3.54 10.83 -11.42
CA GLN A 312 4.38 11.34 -12.49
C GLN A 312 3.58 12.28 -13.39
N ALA A 313 2.42 11.83 -13.85
CA ALA A 313 1.59 12.64 -14.73
C ALA A 313 1.15 13.94 -14.06
N ALA A 314 0.80 13.86 -12.78
CA ALA A 314 0.35 15.03 -12.04
C ALA A 314 1.43 16.10 -12.02
N PHE A 315 2.64 15.72 -11.66
CA PHE A 315 3.70 16.70 -11.54
C PHE A 315 4.21 17.16 -12.91
N GLN A 316 4.16 16.28 -13.89
CA GLN A 316 4.64 16.62 -15.22
C GLN A 316 3.69 17.59 -15.95
N TYR A 317 2.39 17.43 -15.71
CA TYR A 317 1.41 18.13 -16.53
C TYR A 317 0.41 18.97 -15.75
N GLY A 318 0.37 18.79 -14.43
CA GLY A 318 -0.69 19.35 -13.63
C GLY A 318 -0.61 20.82 -13.25
N LYS A 319 0.54 21.46 -13.44
CA LYS A 319 0.69 22.82 -12.97
C LYS A 319 -0.42 23.77 -13.44
N PRO A 320 -0.73 23.79 -14.75
CA PRO A 320 -1.77 24.74 -15.19
C PRO A 320 -3.13 24.44 -14.57
N TRP A 321 -3.46 23.17 -14.41
CA TRP A 321 -4.70 22.80 -13.75
C TRP A 321 -4.69 23.29 -12.31
N LEU A 322 -3.58 23.09 -11.63
CA LEU A 322 -3.45 23.52 -10.25
C LEU A 322 -3.67 25.03 -10.14
N GLU A 323 -3.09 25.80 -11.05
CA GLU A 323 -3.23 27.23 -10.99
C GLU A 323 -4.70 27.64 -11.12
N GLU A 324 -5.43 26.98 -12.01
CA GLU A 324 -6.84 27.30 -12.16
C GLU A 324 -7.63 26.83 -10.94
N LEU A 325 -7.24 25.68 -10.40
CA LEU A 325 -7.88 25.16 -9.21
C LEU A 325 -7.83 26.18 -8.08
N LYS A 326 -6.66 26.78 -7.88
CA LYS A 326 -6.51 27.75 -6.82
C LYS A 326 -7.52 28.89 -6.97
N THR A 327 -7.68 29.35 -8.20
CA THR A 327 -8.62 30.45 -8.47
C THR A 327 -10.04 30.05 -8.10
N VAL A 328 -10.42 28.82 -8.44
CA VAL A 328 -11.75 28.33 -8.12
C VAL A 328 -11.90 28.20 -6.62
N ILE A 329 -10.90 27.61 -5.97
CA ILE A 329 -10.96 27.43 -4.54
C ILE A 329 -11.08 28.77 -3.83
N GLU A 330 -10.30 29.76 -4.27
CA GLU A 330 -10.37 31.08 -3.67
C GLU A 330 -11.76 31.68 -3.83
N GLY A 331 -12.34 31.53 -5.01
CA GLY A 331 -13.68 32.02 -5.27
C GLY A 331 -14.69 31.37 -4.34
N ASN A 332 -14.53 30.06 -4.11
CA ASN A 332 -15.43 29.35 -3.22
C ASN A 332 -15.29 29.82 -1.79
N ILE A 333 -14.04 30.04 -1.36
CA ILE A 333 -13.79 30.50 -0.01
C ILE A 333 -14.42 31.88 0.21
N LYS A 334 -14.27 32.75 -0.77
CA LYS A 334 -14.85 34.10 -0.66
C LYS A 334 -16.35 34.03 -0.52
N LEU A 335 -16.96 33.05 -1.17
CA LEU A 335 -18.39 32.89 -1.13
C LEU A 335 -18.83 32.46 0.26
N VAL A 336 -18.08 31.51 0.83
CA VAL A 336 -18.34 31.01 2.17
C VAL A 336 -18.23 32.13 3.21
N ILE A 337 -17.16 32.91 3.11
CA ILE A 337 -16.94 34.02 4.03
C ILE A 337 -18.05 35.05 3.92
N LYS A 338 -18.33 35.48 2.70
CA LYS A 338 -19.33 36.52 2.47
C LYS A 338 -20.70 36.10 2.96
N GLU A 339 -21.14 34.92 2.56
CA GLU A 339 -22.50 34.48 2.88
C GLU A 339 -22.67 34.09 4.35
N LEU A 340 -21.73 33.34 4.89
CA LEU A 340 -21.83 32.93 6.28
C LEU A 340 -21.68 34.13 7.22
N GLU A 341 -20.80 35.07 6.87
CA GLU A 341 -20.61 36.22 7.74
C GLU A 341 -21.79 37.17 7.70
N ALA A 342 -22.47 37.23 6.55
CA ALA A 342 -23.61 38.14 6.38
C ALA A 342 -24.90 37.58 6.97
N LYS A 343 -25.15 36.29 6.76
CA LYS A 343 -26.45 35.71 7.02
C LYS A 343 -26.47 34.74 8.20
N THR A 344 -25.39 34.75 8.97
CA THR A 344 -25.14 33.68 9.91
C THR A 344 -24.26 34.13 11.08
N LYS A 345 -24.26 33.35 12.16
CA LYS A 345 -23.40 33.63 13.32
C LYS A 345 -22.16 32.73 13.33
N ILE A 346 -21.98 31.97 12.25
CA ILE A 346 -20.80 31.12 12.09
C ILE A 346 -19.58 32.00 11.86
N LYS A 347 -18.52 31.76 12.62
CA LYS A 347 -17.27 32.47 12.40
C LYS A 347 -16.41 31.69 11.42
N VAL A 348 -16.03 32.33 10.34
CA VAL A 348 -15.27 31.68 9.27
C VAL A 348 -13.79 31.97 9.41
N MET A 349 -12.99 30.92 9.58
CA MET A 349 -11.54 31.08 9.53
C MET A 349 -11.13 31.02 8.07
N GLU A 350 -10.63 32.13 7.54
CA GLU A 350 -10.23 32.13 6.14
C GLU A 350 -8.98 31.29 5.98
N PRO A 351 -9.06 30.24 5.14
CA PRO A 351 -7.84 29.44 4.94
C PRO A 351 -6.75 30.28 4.30
N GLU A 352 -5.52 30.12 4.77
CA GLU A 352 -4.39 30.69 4.05
C GLU A 352 -4.04 29.72 2.95
N GLY A 353 -4.46 28.49 3.12
CA GLY A 353 -4.19 27.44 2.15
C GLY A 353 -5.09 26.26 2.43
N THR A 354 -4.96 25.23 1.59
CA THR A 354 -5.86 24.08 1.56
C THR A 354 -7.23 24.50 1.03
N TYR A 355 -8.05 23.51 0.69
CA TYR A 355 -9.37 23.82 0.18
C TYR A 355 -10.44 23.51 1.22
N LEU A 356 -10.05 23.58 2.48
CA LEU A 356 -10.90 23.18 3.59
C LEU A 356 -11.11 24.35 4.52
N VAL A 357 -12.36 24.61 4.85
CA VAL A 357 -12.68 25.76 5.68
C VAL A 357 -13.16 25.36 7.07
N TRP A 358 -12.49 25.91 8.07
CA TRP A 358 -12.75 25.63 9.47
C TRP A 358 -13.80 26.61 9.95
N LEU A 359 -14.96 26.09 10.35
CA LEU A 359 -16.10 26.91 10.71
C LEU A 359 -16.41 26.80 12.19
N ASP A 360 -16.61 27.96 12.82
CA ASP A 360 -16.87 28.04 14.25
C ASP A 360 -18.35 28.24 14.51
N PHE A 361 -19.02 27.19 15.00
CA PHE A 361 -20.46 27.23 15.27
C PHE A 361 -20.75 27.48 16.75
N SER A 362 -19.76 28.00 17.47
CA SER A 362 -19.90 28.22 18.91
C SER A 362 -21.17 28.99 19.28
N ALA A 363 -21.53 29.96 18.44
CA ALA A 363 -22.66 30.85 18.74
C ALA A 363 -23.97 30.10 18.95
N TYR A 364 -24.09 28.93 18.33
CA TYR A 364 -25.32 28.15 18.38
C TYR A 364 -25.33 27.18 19.56
N ALA A 365 -24.17 27.06 20.20
CA ALA A 365 -24.02 26.24 21.40
C ALA A 365 -24.41 24.78 21.21
N ILE A 366 -24.38 24.32 19.97
CA ILE A 366 -24.60 22.90 19.69
C ILE A 366 -23.25 22.22 19.48
N ALA A 367 -22.87 21.36 20.42
CA ALA A 367 -21.59 20.69 20.35
C ALA A 367 -21.61 19.52 19.38
N GLN A 368 -20.44 19.16 18.87
CA GLN A 368 -20.28 17.94 18.12
C GLN A 368 -20.48 16.78 19.08
N PRO A 369 -21.03 15.65 18.60
CA PRO A 369 -21.35 15.40 17.19
C PRO A 369 -22.76 15.86 16.83
N GLN A 370 -23.49 16.42 17.79
CA GLN A 370 -24.84 16.88 17.51
C GLN A 370 -24.84 17.98 16.45
N LEU A 371 -23.77 18.77 16.42
CA LEU A 371 -23.63 19.83 15.43
C LEU A 371 -23.62 19.25 14.01
N SER A 372 -22.76 18.27 13.77
CA SER A 372 -22.67 17.68 12.43
C SER A 372 -23.95 16.92 12.08
N GLU A 373 -24.58 16.34 13.09
CA GLU A 373 -25.86 15.65 12.88
C GLU A 373 -26.93 16.64 12.46
N LYS A 374 -26.94 17.82 13.06
CA LYS A 374 -27.88 18.87 12.67
C LYS A 374 -27.62 19.34 11.24
N LEU A 375 -26.34 19.47 10.89
CA LEU A 375 -25.99 19.87 9.53
C LEU A 375 -26.42 18.83 8.51
N GLN A 376 -26.19 17.55 8.82
CA GLN A 376 -26.53 16.48 7.90
C GLN A 376 -28.05 16.29 7.80
N ASN A 377 -28.70 16.16 8.95
CA ASN A 377 -30.12 15.85 9.01
C ASN A 377 -31.03 17.01 8.60
N GLU A 378 -30.67 18.23 9.02
CA GLU A 378 -31.51 19.40 8.75
C GLU A 378 -31.05 20.17 7.51
N ALA A 379 -29.77 20.53 7.48
CA ALA A 379 -29.24 21.28 6.35
C ALA A 379 -29.00 20.39 5.13
N LYS A 380 -28.89 19.08 5.37
CA LYS A 380 -28.61 18.14 4.29
C LYS A 380 -27.23 18.41 3.69
N VAL A 381 -26.31 18.82 4.54
CA VAL A 381 -24.92 19.01 4.14
C VAL A 381 -24.02 18.32 5.15
N VAL A 382 -23.07 17.52 4.65
CA VAL A 382 -22.17 16.81 5.55
C VAL A 382 -20.83 17.54 5.65
N LEU A 383 -20.51 17.99 6.85
CA LEU A 383 -19.21 18.59 7.15
C LEU A 383 -18.46 17.71 8.13
N ASN A 384 -17.15 17.85 8.16
CA ASN A 384 -16.38 17.10 9.14
C ASN A 384 -16.73 17.51 10.56
N ASP A 385 -16.84 16.51 11.44
CA ASP A 385 -17.03 16.73 12.86
C ASP A 385 -15.75 17.33 13.43
N GLY A 386 -15.83 18.58 13.89
CA GLY A 386 -14.66 19.30 14.36
C GLY A 386 -13.98 18.65 15.55
N ALA A 387 -14.75 17.88 16.32
CA ALA A 387 -14.20 17.25 17.52
C ALA A 387 -13.19 16.17 17.18
N HIS A 388 -13.27 15.63 15.96
CA HIS A 388 -12.32 14.60 15.54
C HIS A 388 -10.90 15.14 15.53
N PHE A 389 -10.76 16.45 15.33
CA PHE A 389 -9.45 17.06 15.21
C PHE A 389 -8.86 17.45 16.56
N GLY A 390 -9.69 17.39 17.60
CA GLY A 390 -9.23 17.72 18.93
C GLY A 390 -10.31 18.41 19.74
N LYS A 391 -10.08 18.53 21.04
CA LYS A 391 -11.05 19.16 21.94
C LYS A 391 -11.42 20.56 21.46
N GLU A 392 -10.45 21.24 20.84
CA GLU A 392 -10.65 22.62 20.40
C GLU A 392 -11.76 22.71 19.35
N GLY A 393 -12.06 21.59 18.71
CA GLY A 393 -13.02 21.59 17.63
C GLY A 393 -14.44 21.23 18.01
N LYS A 394 -14.72 21.23 19.32
CA LYS A 394 -16.03 20.84 19.82
C LYS A 394 -17.20 21.53 19.12
N TYR A 395 -17.04 22.82 18.84
CA TYR A 395 -18.09 23.59 18.20
C TYR A 395 -17.73 23.97 16.77
N PHE A 396 -16.80 23.23 16.20
CA PHE A 396 -16.36 23.50 14.83
C PHE A 396 -16.79 22.42 13.87
N ALA A 397 -16.82 22.79 12.59
CA ALA A 397 -17.02 21.82 11.52
C ALA A 397 -16.11 22.26 10.38
N ARG A 398 -15.72 21.32 9.54
CA ARG A 398 -14.86 21.65 8.41
C ARG A 398 -15.60 21.47 7.09
N LEU A 399 -15.56 22.51 6.26
CA LEU A 399 -16.26 22.51 4.99
C LEU A 399 -15.27 22.40 3.83
N ASN A 400 -15.45 21.37 3.00
CA ASN A 400 -14.60 21.14 1.85
C ASN A 400 -15.17 21.88 0.65
N VAL A 401 -14.42 22.87 0.16
CA VAL A 401 -14.91 23.66 -0.97
C VAL A 401 -14.26 23.29 -2.29
N ALA A 402 -13.61 22.14 -2.34
CA ALA A 402 -13.07 21.62 -3.59
C ALA A 402 -14.20 20.91 -4.31
N THR A 403 -15.13 21.71 -4.81
CA THR A 403 -16.31 21.24 -5.50
C THR A 403 -16.80 22.48 -6.25
N PRO A 404 -17.58 22.31 -7.31
CA PRO A 404 -17.93 23.49 -8.10
C PRO A 404 -18.62 24.59 -7.29
N LYS A 405 -18.42 25.83 -7.73
CA LYS A 405 -18.98 26.98 -7.04
C LYS A 405 -20.48 26.81 -6.80
N ASN A 406 -21.20 26.30 -7.78
CA ASN A 406 -22.65 26.16 -7.65
C ASN A 406 -23.03 25.20 -6.53
N THR A 407 -22.17 24.19 -6.30
CA THR A 407 -22.40 23.25 -5.21
C THR A 407 -22.09 23.90 -3.87
N VAL A 408 -21.01 24.68 -3.83
CA VAL A 408 -20.74 25.43 -2.61
C VAL A 408 -21.90 26.37 -2.30
N GLN A 409 -22.43 27.03 -3.34
CA GLN A 409 -23.57 27.92 -3.14
C GLN A 409 -24.76 27.18 -2.58
N GLU A 410 -25.05 25.99 -3.13
CA GLU A 410 -26.18 25.23 -2.62
C GLU A 410 -25.96 24.85 -1.16
N ALA A 411 -24.73 24.44 -0.84
CA ALA A 411 -24.41 24.05 0.51
C ALA A 411 -24.59 25.23 1.46
N LEU A 412 -24.14 26.40 1.04
CA LEU A 412 -24.25 27.59 1.88
C LEU A 412 -25.71 27.95 2.12
N SER A 413 -26.51 27.92 1.06
CA SER A 413 -27.93 28.24 1.18
C SER A 413 -28.60 27.29 2.17
N ARG A 414 -28.24 26.01 2.08
CA ARG A 414 -28.79 25.02 3.01
C ARG A 414 -28.39 25.31 4.45
N ILE A 415 -27.11 25.61 4.65
CA ILE A 415 -26.60 25.91 5.97
C ILE A 415 -27.29 27.14 6.54
N ILE A 416 -27.40 28.17 5.71
CA ILE A 416 -28.03 29.42 6.12
C ILE A 416 -29.50 29.20 6.45
N SER A 417 -30.17 28.34 5.70
CA SER A 417 -31.58 28.07 5.93
C SER A 417 -31.80 27.48 7.32
N VAL A 418 -30.74 26.90 7.89
CA VAL A 418 -30.82 26.29 9.20
C VAL A 418 -30.16 27.13 10.27
N PHE A 419 -29.00 27.70 9.96
CA PHE A 419 -28.24 28.49 10.93
C PHE A 419 -28.30 29.97 10.57
N ARG B 37 -12.79 -16.59 -25.42
CA ARG B 37 -11.48 -16.77 -26.01
C ARG B 37 -10.42 -15.93 -25.28
N TYR B 38 -9.35 -16.60 -24.88
CA TYR B 38 -8.23 -15.90 -24.25
C TYR B 38 -6.97 -16.10 -25.07
N ASP B 39 -5.96 -15.31 -24.76
CA ASP B 39 -4.71 -15.36 -25.50
C ASP B 39 -3.58 -15.64 -24.54
N PHE B 40 -2.97 -16.82 -24.67
CA PHE B 40 -1.80 -17.19 -23.89
C PHE B 40 -0.61 -17.41 -24.79
N THR B 41 -0.70 -16.93 -26.02
CA THR B 41 0.39 -17.13 -26.98
C THR B 41 1.14 -15.82 -27.26
N THR B 42 0.43 -14.70 -27.17
CA THR B 42 1.10 -13.42 -27.32
C THR B 42 1.90 -13.10 -26.08
N ARG B 43 3.20 -12.91 -26.22
CA ARG B 43 4.00 -12.43 -25.11
C ARG B 43 4.08 -10.92 -25.21
N PRO B 44 3.48 -10.22 -24.24
CA PRO B 44 3.44 -8.77 -24.33
C PRO B 44 4.84 -8.19 -24.19
N ASP B 45 5.11 -7.13 -24.94
CA ASP B 45 6.39 -6.44 -24.81
C ASP B 45 6.29 -5.46 -23.66
N ARG B 46 7.03 -5.73 -22.59
CA ARG B 46 6.94 -4.94 -21.37
C ARG B 46 8.18 -4.09 -21.16
N LEU B 47 9.05 -4.06 -22.16
CA LEU B 47 10.34 -3.41 -21.97
C LEU B 47 10.25 -1.91 -21.70
N ASN B 48 9.21 -1.27 -22.21
CA ASN B 48 9.03 0.17 -21.97
C ASN B 48 8.02 0.45 -20.87
N GLN B 49 7.74 -0.55 -20.06
CA GLN B 49 6.74 -0.41 -19.00
C GLN B 49 7.32 -0.52 -17.59
N PHE B 50 8.61 -0.19 -17.48
CA PHE B 50 9.31 -0.16 -16.19
C PHE B 50 8.89 -1.29 -15.26
N THR B 51 9.05 -2.51 -15.77
CA THR B 51 8.71 -3.69 -14.97
C THR B 51 9.91 -4.18 -14.20
N TYR B 52 9.64 -4.70 -13.01
CA TYR B 52 10.67 -5.34 -12.21
C TYR B 52 11.25 -6.50 -13.00
N LYS B 53 10.38 -7.29 -13.62
CA LYS B 53 10.81 -8.52 -14.29
C LYS B 53 11.77 -8.27 -15.45
N TRP B 54 11.47 -7.28 -16.29
CA TRP B 54 12.23 -7.09 -17.52
C TRP B 54 13.20 -5.92 -17.48
N LYS B 55 13.39 -5.36 -16.30
CA LYS B 55 14.24 -4.18 -16.16
C LYS B 55 15.60 -4.37 -16.86
N THR B 56 16.27 -5.48 -16.60
CA THR B 56 17.62 -5.65 -17.15
C THR B 56 17.63 -6.06 -18.62
N SER B 57 16.44 -6.21 -19.20
CA SER B 57 16.31 -6.51 -20.63
C SER B 57 16.02 -5.25 -21.45
N GLU B 58 15.74 -4.15 -20.76
CA GLU B 58 15.27 -2.95 -21.45
C GLU B 58 16.26 -2.43 -22.49
N ASN B 59 17.55 -2.61 -22.20
CA ASN B 59 18.60 -2.26 -23.13
C ASN B 59 19.32 -3.50 -23.62
N ASN B 60 18.72 -4.66 -23.37
CA ASN B 60 19.28 -5.94 -23.75
C ASN B 60 18.14 -6.92 -24.04
N PRO B 61 17.39 -6.66 -25.11
CA PRO B 61 16.14 -7.36 -25.44
C PRO B 61 16.33 -8.86 -25.67
N GLU B 62 17.58 -9.29 -25.86
CA GLU B 62 17.86 -10.70 -26.09
C GLU B 62 17.63 -11.52 -24.82
N LEU B 63 17.82 -10.87 -23.69
CA LEU B 63 17.75 -11.55 -22.40
C LEU B 63 16.32 -11.93 -22.03
N LEU B 64 16.08 -13.23 -21.86
CA LEU B 64 14.77 -13.74 -21.48
C LEU B 64 14.64 -13.75 -19.98
N GLN B 65 13.56 -13.15 -19.48
CA GLN B 65 13.35 -13.04 -18.06
C GLN B 65 12.34 -14.09 -17.61
N MET B 66 12.78 -14.98 -16.72
CA MET B 66 11.96 -16.10 -16.29
C MET B 66 12.09 -16.26 -14.78
N TRP B 67 12.11 -15.14 -14.08
CA TRP B 67 12.41 -15.17 -12.66
C TRP B 67 11.22 -14.70 -11.81
N VAL B 68 11.16 -13.40 -11.51
CA VAL B 68 10.16 -12.91 -10.58
C VAL B 68 8.74 -13.35 -10.98
N ALA B 69 7.94 -13.65 -9.97
CA ALA B 69 6.62 -14.22 -10.19
C ALA B 69 5.56 -13.18 -10.56
N ASP B 70 5.68 -12.66 -11.77
CA ASP B 70 4.49 -12.18 -12.46
C ASP B 70 4.48 -12.81 -13.84
N MET B 71 3.38 -12.65 -14.57
CA MET B 71 3.21 -13.39 -15.81
C MET B 71 3.44 -12.54 -17.04
N ASP B 72 3.97 -13.18 -18.08
CA ASP B 72 4.05 -12.56 -19.38
C ASP B 72 2.93 -13.03 -20.30
N PHE B 73 1.71 -12.74 -19.86
CA PHE B 73 0.52 -12.98 -20.65
C PHE B 73 -0.26 -11.69 -20.70
N LEU B 74 -1.08 -11.54 -21.74
CA LEU B 74 -2.00 -10.43 -21.79
C LEU B 74 -2.93 -10.53 -20.58
N PRO B 75 -3.43 -9.38 -20.10
CA PRO B 75 -4.28 -9.40 -18.91
C PRO B 75 -5.61 -10.10 -19.14
N VAL B 76 -6.21 -10.56 -18.05
CA VAL B 76 -7.57 -11.09 -18.11
C VAL B 76 -8.43 -9.97 -18.71
N PRO B 77 -9.17 -10.29 -19.79
CA PRO B 77 -9.91 -9.23 -20.48
C PRO B 77 -10.78 -8.39 -19.55
N GLU B 78 -11.51 -9.03 -18.66
CA GLU B 78 -12.45 -8.32 -17.80
C GLU B 78 -11.72 -7.46 -16.76
N ILE B 79 -10.51 -7.89 -16.39
CA ILE B 79 -9.72 -7.08 -15.46
C ILE B 79 -9.24 -5.84 -16.19
N LYS B 80 -8.70 -6.03 -17.38
CA LYS B 80 -8.24 -4.90 -18.17
C LYS B 80 -9.36 -3.89 -18.36
N GLU B 81 -10.55 -4.38 -18.72
CA GLU B 81 -11.70 -3.49 -18.93
CA GLU B 81 -11.67 -3.47 -18.94
C GLU B 81 -12.04 -2.73 -17.67
N ALA B 82 -11.98 -3.42 -16.54
CA ALA B 82 -12.32 -2.81 -15.26
C ALA B 82 -11.33 -1.70 -14.93
N ILE B 83 -10.06 -1.93 -15.21
CA ILE B 83 -9.03 -0.95 -14.91
C ILE B 83 -9.14 0.23 -15.86
N ILE B 84 -9.38 -0.07 -17.14
CA ILE B 84 -9.59 0.98 -18.12
C ILE B 84 -10.75 1.87 -17.70
N ASN B 85 -11.83 1.26 -17.24
CA ASN B 85 -12.98 2.07 -16.83
C ASN B 85 -12.75 2.84 -15.55
N TYR B 86 -11.89 2.35 -14.67
CA TYR B 86 -11.45 3.16 -13.55
C TYR B 86 -10.83 4.45 -14.09
N GLY B 87 -9.93 4.32 -15.06
CA GLY B 87 -9.31 5.48 -15.65
C GLY B 87 -10.29 6.38 -16.37
N ARG B 88 -11.22 5.78 -17.12
CA ARG B 88 -12.12 6.57 -17.94
C ARG B 88 -13.18 7.31 -17.14
N GLU B 89 -13.63 6.70 -16.05
CA GLU B 89 -14.88 7.13 -15.42
C GLU B 89 -14.76 7.62 -13.99
N HIS B 90 -13.93 7.19 -13.01
CA HIS B 90 -13.61 7.63 -11.67
C HIS B 90 -12.76 8.89 -11.61
N ILE B 91 -13.38 9.39 -10.46
CA ILE B 91 -12.60 10.43 -9.83
C ILE B 91 -11.61 9.70 -8.94
N PHE B 92 -10.35 10.09 -8.96
CA PHE B 92 -9.33 9.24 -8.35
C PHE B 92 -9.11 9.51 -6.87
N GLY B 93 -10.21 9.74 -6.15
CA GLY B 93 -10.15 10.03 -4.74
C GLY B 93 -10.23 8.79 -3.87
N TYR B 94 -10.78 8.95 -2.69
CA TYR B 94 -10.89 7.85 -1.74
C TYR B 94 -12.08 6.94 -2.06
N ASN B 95 -11.91 5.65 -1.81
CA ASN B 95 -13.00 4.71 -2.00
C ASN B 95 -13.08 3.74 -0.82
N TYR B 96 -14.27 3.20 -0.58
CA TYR B 96 -14.43 2.17 0.44
C TYR B 96 -14.50 0.81 -0.21
N PHE B 97 -14.35 -0.23 0.60
CA PHE B 97 -14.48 -1.59 0.12
C PHE B 97 -15.97 -1.88 -0.03
N ASN B 98 -16.41 -2.02 -1.28
CA ASN B 98 -17.84 -2.20 -1.52
C ASN B 98 -18.28 -3.63 -1.30
N ASP B 99 -19.59 -3.83 -1.19
CA ASP B 99 -20.12 -5.15 -0.87
C ASP B 99 -19.84 -6.18 -1.96
N ASP B 100 -19.74 -5.73 -3.21
CA ASP B 100 -19.46 -6.62 -4.32
C ASP B 100 -18.04 -7.19 -4.23
N LEU B 101 -17.13 -6.37 -3.72
CA LEU B 101 -15.76 -6.81 -3.50
C LEU B 101 -15.71 -7.89 -2.41
N TYR B 102 -16.35 -7.62 -1.28
CA TYR B 102 -16.41 -8.63 -0.22
C TYR B 102 -17.08 -9.90 -0.72
N GLN B 103 -18.19 -9.74 -1.43
CA GLN B 103 -18.93 -10.90 -1.92
C GLN B 103 -18.10 -11.69 -2.91
N ALA B 104 -17.33 -11.00 -3.73
CA ALA B 104 -16.48 -11.66 -4.71
C ALA B 104 -15.50 -12.57 -3.99
N VAL B 105 -14.92 -12.08 -2.90
CA VAL B 105 -13.96 -12.85 -2.13
C VAL B 105 -14.65 -14.00 -1.41
N ILE B 106 -15.80 -13.70 -0.81
CA ILE B 106 -16.57 -14.72 -0.11
C ILE B 106 -16.90 -15.85 -1.07
N ASP B 107 -17.42 -15.50 -2.24
CA ASP B 107 -17.84 -16.50 -3.22
C ASP B 107 -16.65 -17.29 -3.72
N TRP B 108 -15.54 -16.60 -3.95
CA TRP B 108 -14.33 -17.25 -4.44
C TRP B 108 -13.86 -18.26 -3.41
N GLU B 109 -13.82 -17.83 -2.16
CA GLU B 109 -13.34 -18.71 -1.09
C GLU B 109 -14.22 -19.94 -0.97
N ARG B 110 -15.53 -19.74 -1.10
CA ARG B 110 -16.47 -20.84 -0.99
C ARG B 110 -16.35 -21.79 -2.17
N LYS B 111 -16.48 -21.25 -3.38
CA LYS B 111 -16.51 -22.05 -4.58
C LYS B 111 -15.17 -22.70 -4.89
N GLU B 112 -14.08 -21.95 -4.72
CA GLU B 112 -12.77 -22.41 -5.14
C GLU B 112 -12.05 -23.19 -4.04
N HIS B 113 -12.42 -22.96 -2.78
CA HIS B 113 -11.65 -23.54 -1.69
C HIS B 113 -12.47 -24.12 -0.55
N ASP B 114 -13.79 -24.23 -0.74
CA ASP B 114 -14.65 -24.82 0.27
C ASP B 114 -14.48 -24.12 1.61
N TYR B 115 -14.21 -22.82 1.57
CA TYR B 115 -13.97 -22.09 2.80
C TYR B 115 -15.05 -21.04 2.99
N ALA B 116 -15.95 -21.31 3.93
CA ALA B 116 -17.07 -20.41 4.21
C ALA B 116 -16.63 -19.31 5.14
N VAL B 117 -16.61 -18.09 4.63
CA VAL B 117 -16.25 -16.94 5.43
C VAL B 117 -17.27 -15.83 5.24
N VAL B 118 -17.29 -14.89 6.17
CA VAL B 118 -18.21 -13.78 6.07
C VAL B 118 -17.42 -12.50 5.93
N LYS B 119 -18.13 -11.42 5.57
CA LYS B 119 -17.54 -10.12 5.33
C LYS B 119 -16.57 -9.72 6.44
N GLU B 120 -17.02 -9.90 7.68
CA GLU B 120 -16.24 -9.48 8.84
C GLU B 120 -14.91 -10.20 8.97
N ASP B 121 -14.79 -11.37 8.35
CA ASP B 121 -13.57 -12.17 8.40
C ASP B 121 -12.51 -11.66 7.46
N ILE B 122 -12.91 -10.82 6.50
CA ILE B 122 -12.04 -10.46 5.40
C ILE B 122 -11.44 -9.07 5.61
N LEU B 123 -10.12 -9.03 5.71
CA LEU B 123 -9.40 -7.77 5.81
C LEU B 123 -8.60 -7.55 4.56
N PHE B 124 -8.77 -6.39 3.92
CA PHE B 124 -7.99 -6.10 2.73
C PHE B 124 -6.72 -5.37 3.12
N ILE B 125 -5.65 -5.68 2.42
CA ILE B 125 -4.37 -5.07 2.67
C ILE B 125 -3.63 -5.03 1.35
N ASP B 126 -2.73 -4.07 1.18
CA ASP B 126 -2.14 -3.89 -0.14
C ASP B 126 -1.35 -5.10 -0.63
N GLY B 127 -0.93 -5.98 0.27
CA GLY B 127 -0.20 -7.14 -0.17
C GLY B 127 -0.10 -8.18 0.92
N VAL B 128 0.29 -9.38 0.52
CA VAL B 128 0.42 -10.48 1.46
C VAL B 128 1.63 -10.28 2.37
N VAL B 129 2.73 -9.75 1.82
CA VAL B 129 3.90 -9.56 2.69
C VAL B 129 3.65 -8.45 3.73
N PRO B 130 2.97 -7.36 3.31
CA PRO B 130 2.52 -6.43 4.34
C PRO B 130 1.69 -7.13 5.42
N ALA B 131 0.80 -8.03 5.02
CA ALA B 131 -0.02 -8.74 5.99
C ALA B 131 0.85 -9.60 6.90
N ILE B 132 1.92 -10.16 6.34
CA ILE B 132 2.87 -10.90 7.16
C ILE B 132 3.53 -10.00 8.20
N SER B 133 3.94 -8.79 7.80
CA SER B 133 4.54 -7.88 8.74
C SER B 133 3.58 -7.61 9.89
N ILE B 134 2.33 -7.33 9.54
CA ILE B 134 1.32 -7.05 10.55
C ILE B 134 1.14 -8.24 11.46
N ALA B 135 1.07 -9.43 10.88
CA ALA B 135 0.93 -10.66 11.65
C ALA B 135 2.08 -10.83 12.65
N LEU B 136 3.31 -10.66 12.18
CA LEU B 136 4.45 -10.78 13.08
C LEU B 136 4.37 -9.78 14.23
N GLN B 137 4.00 -8.55 13.90
CA GLN B 137 3.98 -7.47 14.87
C GLN B 137 2.80 -7.60 15.84
N ALA B 138 1.69 -8.14 15.37
CA ALA B 138 0.48 -8.21 16.18
C ALA B 138 0.39 -9.51 16.97
N PHE B 139 1.02 -10.57 16.48
CA PHE B 139 0.84 -11.90 17.07
C PHE B 139 2.03 -12.40 17.86
N SER B 140 3.03 -11.54 18.07
CA SER B 140 4.18 -11.94 18.84
C SER B 140 4.80 -10.73 19.53
N GLU B 141 5.71 -11.00 20.46
CA GLU B 141 6.41 -9.97 21.19
C GLU B 141 7.79 -9.76 20.61
N LYS B 142 8.37 -8.61 20.94
CA LYS B 142 9.72 -8.27 20.52
C LYS B 142 10.67 -9.44 20.71
N GLY B 143 11.40 -9.79 19.65
CA GLY B 143 12.42 -10.81 19.72
C GLY B 143 11.95 -12.25 19.57
N ASP B 144 10.64 -12.47 19.56
CA ASP B 144 10.10 -13.83 19.50
C ASP B 144 10.58 -14.59 18.28
N ALA B 145 10.72 -15.89 18.44
CA ALA B 145 11.16 -16.71 17.32
C ALA B 145 10.02 -16.98 16.34
N VAL B 146 10.34 -16.94 15.06
CA VAL B 146 9.40 -17.22 14.00
C VAL B 146 9.97 -18.31 13.11
N LEU B 147 9.16 -19.30 12.77
CA LEU B 147 9.64 -20.44 12.01
C LEU B 147 9.16 -20.41 10.57
N ILE B 148 10.05 -20.78 9.65
CA ILE B 148 9.66 -21.00 8.27
C ILE B 148 10.25 -22.34 7.81
N ASN B 149 9.70 -22.89 6.74
CA ASN B 149 10.29 -24.07 6.10
C ASN B 149 11.19 -23.60 4.98
N SER B 150 12.47 -23.92 5.07
CA SER B 150 13.45 -23.48 4.08
C SER B 150 13.70 -24.60 3.07
N PRO B 151 13.92 -24.26 1.80
CA PRO B 151 13.96 -22.89 1.27
C PRO B 151 12.57 -22.38 0.98
N VAL B 152 12.40 -21.07 1.06
CA VAL B 152 11.11 -20.47 0.85
C VAL B 152 11.25 -19.01 0.44
N TYR B 153 10.23 -18.53 -0.27
CA TYR B 153 10.03 -17.13 -0.58
C TYR B 153 10.85 -16.21 0.32
N TYR B 154 11.82 -15.53 -0.28
CA TYR B 154 12.80 -14.76 0.47
C TYR B 154 12.22 -13.68 1.41
N PRO B 155 11.14 -13.02 1.01
CA PRO B 155 10.61 -12.00 1.92
C PRO B 155 10.16 -12.55 3.28
N PHE B 156 9.97 -13.85 3.40
CA PHE B 156 9.66 -14.43 4.70
C PHE B 156 10.83 -14.15 5.63
N ALA B 157 12.00 -14.66 5.27
CA ALA B 157 13.18 -14.51 6.11
C ALA B 157 13.52 -13.05 6.34
N ARG B 158 13.44 -12.25 5.29
CA ARG B 158 13.78 -10.83 5.37
C ARG B 158 12.87 -10.13 6.37
N THR B 159 11.58 -10.37 6.23
CA THR B 159 10.61 -9.72 7.10
C THR B 159 10.78 -10.16 8.55
N ILE B 160 11.07 -11.43 8.76
CA ILE B 160 11.34 -11.92 10.11
C ILE B 160 12.55 -11.21 10.71
N ARG B 161 13.66 -11.17 9.96
CA ARG B 161 14.89 -10.57 10.48
C ARG B 161 14.73 -9.07 10.75
N LEU B 162 14.04 -8.37 9.86
CA LEU B 162 13.92 -6.92 9.98
C LEU B 162 12.96 -6.50 11.08
N ASN B 163 12.19 -7.44 11.59
CA ASN B 163 11.25 -7.14 12.66
C ASN B 163 11.68 -7.64 14.02
N ASP B 164 12.99 -7.80 14.19
CA ASP B 164 13.55 -8.21 15.47
C ASP B 164 12.94 -9.53 15.89
N HIS B 165 13.07 -10.54 15.03
CA HIS B 165 12.60 -11.87 15.36
C HIS B 165 13.67 -12.86 15.02
N ARG B 166 13.75 -13.91 15.83
CA ARG B 166 14.69 -14.98 15.54
CA ARG B 166 14.69 -14.98 15.56
C ARG B 166 14.16 -15.81 14.39
N LEU B 167 15.01 -16.04 13.41
CA LEU B 167 14.63 -16.81 12.25
C LEU B 167 14.97 -18.27 12.49
N VAL B 168 13.94 -19.08 12.64
CA VAL B 168 14.12 -20.52 12.76
C VAL B 168 13.78 -21.15 11.42
N GLU B 169 14.79 -21.71 10.75
CA GLU B 169 14.55 -22.34 9.46
C GLU B 169 14.53 -23.85 9.60
N ASN B 170 13.35 -24.41 9.43
CA ASN B 170 13.16 -25.84 9.40
C ASN B 170 13.41 -26.29 7.97
N SER B 171 14.49 -27.03 7.76
CA SER B 171 14.89 -27.42 6.41
CA SER B 171 14.89 -27.43 6.42
C SER B 171 14.02 -28.54 5.84
N LEU B 172 13.38 -28.25 4.71
CA LEU B 172 12.59 -29.24 4.00
C LEU B 172 13.50 -30.30 3.41
N GLN B 173 13.01 -31.53 3.35
CA GLN B 173 13.71 -32.57 2.62
C GLN B 173 13.13 -32.64 1.22
N ILE B 174 13.93 -33.14 0.28
CA ILE B 174 13.42 -33.46 -1.03
C ILE B 174 13.33 -34.97 -1.12
N ILE B 175 12.10 -35.46 -1.24
CA ILE B 175 11.83 -36.88 -1.20
C ILE B 175 10.87 -37.26 -2.32
N ASN B 176 11.31 -38.15 -3.20
CA ASN B 176 10.46 -38.62 -4.29
C ASN B 176 9.90 -37.49 -5.14
N GLY B 177 10.74 -36.50 -5.42
CA GLY B 177 10.40 -35.45 -6.38
C GLY B 177 9.61 -34.29 -5.81
N ARG B 178 9.49 -34.22 -4.48
CA ARG B 178 8.80 -33.09 -3.86
C ARG B 178 9.35 -32.80 -2.48
N PHE B 179 9.06 -31.61 -1.97
CA PHE B 179 9.44 -31.27 -0.62
C PHE B 179 8.60 -32.05 0.38
N GLU B 180 9.24 -32.46 1.47
CA GLU B 180 8.52 -33.02 2.60
C GLU B 180 9.07 -32.41 3.86
N ILE B 181 8.20 -32.25 4.85
CA ILE B 181 8.61 -31.69 6.13
C ILE B 181 9.10 -32.80 7.04
N ASP B 182 10.22 -32.57 7.70
CA ASP B 182 10.66 -33.46 8.76
C ASP B 182 9.98 -33.01 10.04
N PHE B 183 8.91 -33.70 10.42
CA PHE B 183 8.10 -33.28 11.56
C PHE B 183 8.77 -33.50 12.90
N GLU B 184 9.68 -34.46 12.97
CA GLU B 184 10.45 -34.64 14.19
C GLU B 184 11.29 -33.40 14.42
N GLN B 185 12.03 -32.99 13.39
CA GLN B 185 12.87 -31.81 13.51
C GLN B 185 12.02 -30.57 13.70
N LEU B 186 10.91 -30.50 12.97
CA LEU B 186 10.02 -29.35 13.08
C LEU B 186 9.58 -29.14 14.52
N GLU B 187 9.17 -30.22 15.18
CA GLU B 187 8.75 -30.08 16.57
C GLU B 187 9.90 -29.63 17.47
N LYS B 188 11.09 -30.18 17.19
CA LYS B 188 12.29 -29.78 17.91
C LYS B 188 12.59 -28.29 17.68
N ASP B 189 12.47 -27.86 16.44
CA ASP B 189 12.71 -26.45 16.13
C ASP B 189 11.74 -25.56 16.89
N ILE B 190 10.50 -26.00 16.96
CA ILE B 190 9.47 -25.23 17.66
C ILE B 190 9.74 -25.15 19.15
N ILE B 191 10.00 -26.30 19.77
CA ILE B 191 10.23 -26.36 21.20
C ILE B 191 11.56 -25.71 21.61
N ASP B 192 12.65 -26.10 20.95
CA ASP B 192 13.97 -25.67 21.34
C ASP B 192 14.17 -24.17 21.19
N ASN B 193 13.45 -23.57 20.26
CA ASN B 193 13.59 -22.15 20.00
C ASN B 193 12.39 -21.34 20.45
N ASN B 194 11.49 -21.98 21.20
CA ASN B 194 10.30 -21.31 21.70
C ASN B 194 9.59 -20.53 20.59
N VAL B 195 9.32 -21.21 19.47
CA VAL B 195 8.71 -20.57 18.32
C VAL B 195 7.31 -20.07 18.66
N LYS B 196 7.03 -18.81 18.26
CA LYS B 196 5.75 -18.19 18.56
C LYS B 196 4.86 -18.06 17.33
N ILE B 197 5.48 -17.97 16.16
CA ILE B 197 4.73 -17.88 14.91
C ILE B 197 5.37 -18.82 13.90
N TYR B 198 4.52 -19.54 13.19
CA TYR B 198 4.94 -20.40 12.10
C TYR B 198 4.42 -19.71 10.86
N LEU B 199 5.33 -19.21 10.03
CA LEU B 199 4.96 -18.60 8.77
C LEU B 199 5.03 -19.68 7.70
N LEU B 200 3.86 -20.14 7.29
CA LEU B 200 3.73 -21.28 6.38
C LEU B 200 3.47 -20.82 4.97
N CYS B 201 4.09 -21.48 4.01
CA CYS B 201 3.83 -21.15 2.62
C CYS B 201 3.09 -22.33 2.01
N SER B 202 1.85 -22.09 1.59
CA SER B 202 0.98 -23.18 1.16
C SER B 202 0.01 -22.71 0.08
N PRO B 203 0.27 -23.06 -1.19
CA PRO B 203 1.37 -23.89 -1.67
C PRO B 203 2.74 -23.28 -1.38
N HIS B 204 3.71 -24.16 -1.21
CA HIS B 204 5.06 -23.73 -0.90
C HIS B 204 5.81 -23.28 -2.14
N ASN B 205 6.43 -22.12 -2.03
CA ASN B 205 7.22 -21.51 -3.10
C ASN B 205 8.59 -21.25 -2.51
N PRO B 206 9.66 -21.81 -3.12
CA PRO B 206 9.68 -22.53 -4.39
C PRO B 206 9.33 -24.00 -4.22
N GLY B 207 9.40 -24.73 -5.32
CA GLY B 207 9.06 -26.14 -5.31
C GLY B 207 7.63 -26.36 -5.79
N GLY B 208 6.72 -25.51 -5.32
CA GLY B 208 5.33 -25.57 -5.74
C GLY B 208 4.58 -26.68 -5.03
N ARG B 209 4.92 -26.90 -3.76
CA ARG B 209 4.33 -27.98 -2.99
C ARG B 209 2.93 -27.63 -2.52
N VAL B 210 1.97 -28.46 -2.93
CA VAL B 210 0.58 -28.30 -2.49
C VAL B 210 0.35 -29.31 -1.39
N TRP B 211 0.55 -28.86 -0.15
CA TRP B 211 0.61 -29.77 1.00
C TRP B 211 -0.57 -30.73 1.09
N ASP B 212 -0.28 -31.97 1.47
CA ASP B 212 -1.33 -32.95 1.67
C ASP B 212 -2.10 -32.56 2.93
N ASN B 213 -3.36 -32.98 3.02
CA ASN B 213 -4.12 -32.84 4.24
C ASN B 213 -3.32 -33.28 5.47
N ASP B 214 -2.69 -34.44 5.37
CA ASP B 214 -1.92 -34.99 6.48
C ASP B 214 -0.83 -34.04 6.93
N ASP B 215 -0.16 -33.41 5.96
CA ASP B 215 0.92 -32.49 6.25
C ASP B 215 0.40 -31.28 7.00
N LEU B 216 -0.68 -30.70 6.47
CA LEU B 216 -1.24 -29.50 7.05
C LEU B 216 -1.79 -29.75 8.44
N ILE B 217 -2.41 -30.91 8.63
CA ILE B 217 -2.91 -31.27 9.95
C ILE B 217 -1.74 -31.39 10.95
N LYS B 218 -0.65 -32.03 10.53
CA LYS B 218 0.49 -32.17 11.43
C LYS B 218 1.07 -30.81 11.79
N ILE B 219 1.13 -29.92 10.81
CA ILE B 219 1.60 -28.56 11.04
C ILE B 219 0.71 -27.87 12.07
N ALA B 220 -0.58 -27.88 11.78
CA ALA B 220 -1.54 -27.19 12.63
C ALA B 220 -1.54 -27.79 14.03
N GLU B 221 -1.51 -29.11 14.11
CA GLU B 221 -1.51 -29.75 15.42
C GLU B 221 -0.28 -29.39 16.26
N LEU B 222 0.87 -29.25 15.60
CA LEU B 222 2.08 -28.82 16.31
C LEU B 222 1.91 -27.40 16.84
N CYS B 223 1.34 -26.52 16.01
CA CYS B 223 1.12 -25.16 16.44
C CYS B 223 0.14 -25.12 17.60
N LYS B 224 -0.95 -25.89 17.46
CA LYS B 224 -1.96 -25.98 18.50
C LYS B 224 -1.31 -26.47 19.80
N LYS B 225 -0.52 -27.53 19.68
CA LYS B 225 0.12 -28.15 20.83
C LYS B 225 1.09 -27.20 21.53
N HIS B 226 1.76 -26.37 20.75
CA HIS B 226 2.85 -25.56 21.30
C HIS B 226 2.55 -24.08 21.40
N GLY B 227 1.28 -23.72 21.24
CA GLY B 227 0.86 -22.34 21.38
C GLY B 227 1.50 -21.43 20.35
N VAL B 228 1.62 -21.93 19.13
CA VAL B 228 2.18 -21.18 18.02
C VAL B 228 1.06 -20.63 17.14
N ILE B 229 1.18 -19.37 16.74
CA ILE B 229 0.24 -18.81 15.78
C ILE B 229 0.70 -19.18 14.38
N LEU B 230 -0.24 -19.64 13.57
CA LEU B 230 0.08 -20.13 12.24
C LEU B 230 -0.43 -19.13 11.21
N VAL B 231 0.50 -18.58 10.44
CA VAL B 231 0.15 -17.65 9.39
C VAL B 231 0.33 -18.41 8.08
N SER B 232 -0.78 -18.71 7.44
CA SER B 232 -0.76 -19.49 6.22
C SER B 232 -0.80 -18.60 5.00
N ASP B 233 0.36 -18.43 4.38
CA ASP B 233 0.46 -17.65 3.16
C ASP B 233 0.01 -18.53 2.00
N GLU B 234 -1.23 -18.31 1.58
CA GLU B 234 -1.86 -19.13 0.57
C GLU B 234 -2.06 -18.31 -0.71
N ILE B 235 -1.08 -17.46 -1.00
CA ILE B 235 -1.21 -16.62 -2.19
C ILE B 235 -1.25 -17.42 -3.49
N HIS B 236 -0.66 -18.63 -3.48
CA HIS B 236 -0.67 -19.48 -4.67
C HIS B 236 -1.83 -20.48 -4.67
N GLN B 237 -2.83 -20.25 -3.83
CA GLN B 237 -3.86 -21.26 -3.60
C GLN B 237 -4.70 -21.58 -4.82
N ASP B 238 -4.73 -20.68 -5.81
CA ASP B 238 -5.58 -20.91 -6.99
C ASP B 238 -4.79 -21.61 -8.07
N LEU B 239 -3.53 -21.92 -7.79
CA LEU B 239 -2.63 -22.42 -8.82
C LEU B 239 -2.18 -23.85 -8.57
N ALA B 240 -3.03 -24.64 -7.91
CA ALA B 240 -2.77 -26.07 -7.82
C ALA B 240 -3.01 -26.67 -9.20
N LEU B 241 -2.08 -27.50 -9.64
CA LEU B 241 -2.11 -27.99 -11.02
C LEU B 241 -2.32 -29.49 -11.10
N PHE B 242 -2.71 -29.93 -12.30
CA PHE B 242 -2.71 -31.35 -12.65
C PHE B 242 -3.74 -32.18 -11.88
N GLY B 243 -4.64 -31.51 -11.18
CA GLY B 243 -5.62 -32.22 -10.38
C GLY B 243 -5.26 -32.20 -8.90
N ASN B 244 -4.07 -31.70 -8.59
CA ASN B 244 -3.70 -31.48 -7.20
C ASN B 244 -4.68 -30.48 -6.60
N THR B 245 -4.99 -30.64 -5.32
CA THR B 245 -5.97 -29.79 -4.68
C THR B 245 -5.40 -29.05 -3.48
N HIS B 246 -5.49 -27.73 -3.53
CA HIS B 246 -5.08 -26.92 -2.40
C HIS B 246 -6.08 -27.08 -1.26
N HIS B 247 -5.57 -27.27 -0.05
CA HIS B 247 -6.43 -27.36 1.12
C HIS B 247 -6.18 -26.18 2.02
N SER B 248 -7.08 -25.21 1.97
CA SER B 248 -6.92 -24.03 2.79
C SER B 248 -6.97 -24.43 4.26
N LEU B 249 -6.05 -23.90 5.04
CA LEU B 249 -5.75 -24.45 6.36
C LEU B 249 -6.97 -24.59 7.27
N ASN B 250 -7.76 -23.54 7.36
CA ASN B 250 -8.84 -23.55 8.33
C ASN B 250 -10.04 -24.40 7.94
N THR B 251 -10.05 -24.89 6.69
CA THR B 251 -11.12 -25.79 6.26
C THR B 251 -10.92 -27.17 6.85
N LEU B 252 -9.71 -27.45 7.32
CA LEU B 252 -9.38 -28.80 7.79
C LEU B 252 -9.98 -29.13 9.13
N ASP B 253 -10.14 -28.12 9.98
CA ASP B 253 -10.44 -28.33 11.38
C ASP B 253 -10.98 -27.04 11.96
N ALA B 254 -12.16 -27.12 12.58
CA ALA B 254 -12.83 -25.94 13.11
C ALA B 254 -12.05 -25.25 14.23
N SER B 255 -11.08 -25.94 14.82
CA SER B 255 -10.33 -25.35 15.92
C SER B 255 -9.12 -24.56 15.42
N TYR B 256 -8.78 -24.74 14.14
CA TYR B 256 -7.53 -24.14 13.66
C TYR B 256 -7.63 -22.63 13.57
N LYS B 257 -8.82 -22.11 13.31
CA LYS B 257 -9.00 -20.67 13.24
C LYS B 257 -8.64 -19.97 14.55
N ASP B 258 -8.63 -20.70 15.67
CA ASP B 258 -8.25 -20.10 16.95
C ASP B 258 -6.82 -19.56 16.93
N PHE B 259 -5.98 -20.11 16.06
CA PHE B 259 -4.56 -19.73 16.03
C PHE B 259 -4.01 -19.59 14.61
N THR B 260 -4.89 -19.67 13.62
CA THR B 260 -4.44 -19.68 12.23
C THR B 260 -5.13 -18.61 11.42
N ILE B 261 -4.35 -17.81 10.68
CA ILE B 261 -4.95 -16.90 9.72
C ILE B 261 -4.54 -17.29 8.31
N ILE B 262 -5.36 -16.90 7.36
CA ILE B 262 -5.11 -17.23 5.96
C ILE B 262 -4.83 -15.96 5.21
N LEU B 263 -3.74 -15.92 4.48
CA LEU B 263 -3.42 -14.77 3.65
C LEU B 263 -3.48 -15.22 2.22
N SER B 264 -4.19 -14.47 1.39
CA SER B 264 -4.16 -14.76 -0.03
C SER B 264 -4.46 -13.51 -0.83
N SER B 265 -4.72 -13.71 -2.11
CA SER B 265 -4.87 -12.58 -3.00
C SER B 265 -5.36 -13.05 -4.35
N ALA B 266 -5.77 -12.10 -5.17
CA ALA B 266 -6.03 -12.36 -6.58
C ALA B 266 -4.79 -12.13 -7.40
N THR B 267 -3.75 -11.55 -6.80
CA THR B 267 -2.65 -11.03 -7.61
C THR B 267 -1.80 -12.09 -8.27
N LYS B 268 -1.44 -13.15 -7.56
CA LYS B 268 -0.66 -14.22 -8.19
C LYS B 268 -1.51 -14.97 -9.20
N THR B 269 -2.76 -15.22 -8.84
CA THR B 269 -3.65 -15.98 -9.70
C THR B 269 -3.85 -15.29 -11.03
N PHE B 270 -4.02 -13.97 -10.99
CA PHE B 270 -4.51 -13.25 -12.15
C PHE B 270 -3.54 -12.21 -12.69
N ASN B 271 -2.35 -12.18 -12.12
CA ASN B 271 -1.28 -11.33 -12.59
C ASN B 271 -1.62 -9.85 -12.44
N ILE B 272 -2.07 -9.48 -11.26
CA ILE B 272 -2.40 -8.09 -10.99
C ILE B 272 -1.66 -7.55 -9.77
N ALA B 273 -0.42 -8.00 -9.59
CA ALA B 273 0.38 -7.58 -8.45
C ALA B 273 0.52 -6.07 -8.34
N GLY B 274 0.55 -5.38 -9.47
CA GLY B 274 0.77 -3.94 -9.46
C GLY B 274 -0.41 -3.17 -8.92
N THR B 275 -1.55 -3.84 -8.78
CA THR B 275 -2.75 -3.17 -8.29
C THR B 275 -2.85 -3.15 -6.77
N LYS B 276 -2.00 -3.92 -6.10
CA LYS B 276 -1.81 -3.78 -4.66
C LYS B 276 -3.08 -3.97 -3.83
N ASN B 277 -3.74 -5.10 -4.00
CA ASN B 277 -4.76 -5.51 -3.06
C ASN B 277 -4.67 -7.00 -2.84
N SER B 278 -4.91 -7.39 -1.60
CA SER B 278 -4.86 -8.79 -1.17
C SER B 278 -5.73 -8.88 0.06
N PHE B 279 -5.84 -10.06 0.65
CA PHE B 279 -6.72 -10.17 1.80
C PHE B 279 -6.20 -11.14 2.83
N ALA B 280 -6.56 -10.85 4.06
CA ALA B 280 -6.34 -11.74 5.17
C ALA B 280 -7.70 -12.21 5.60
N ILE B 281 -7.83 -13.51 5.81
CA ILE B 281 -9.05 -14.05 6.38
C ILE B 281 -8.73 -14.44 7.80
N ILE B 282 -9.39 -13.78 8.74
CA ILE B 282 -9.15 -14.02 10.14
C ILE B 282 -10.49 -14.19 10.81
N GLN B 283 -10.88 -15.44 11.00
CA GLN B 283 -12.17 -15.75 11.58
C GLN B 283 -12.16 -15.56 13.09
N ASN B 284 -11.00 -15.73 13.71
CA ASN B 284 -10.91 -15.53 15.13
C ASN B 284 -10.94 -14.05 15.46
N GLU B 285 -11.95 -13.66 16.24
CA GLU B 285 -12.16 -12.25 16.57
C GLU B 285 -10.96 -11.60 17.23
N SER B 286 -10.31 -12.31 18.14
CA SER B 286 -9.16 -11.76 18.86
C SER B 286 -7.97 -11.55 17.93
N LEU B 287 -7.64 -12.57 17.16
CA LEU B 287 -6.58 -12.44 16.18
C LEU B 287 -6.89 -11.30 15.24
N ARG B 288 -8.16 -11.22 14.83
CA ARG B 288 -8.56 -10.22 13.87
C ARG B 288 -8.39 -8.83 14.47
N ARG B 289 -8.82 -8.66 15.71
CA ARG B 289 -8.70 -7.36 16.36
C ARG B 289 -7.24 -6.95 16.56
N LYS B 290 -6.39 -7.90 16.92
CA LYS B 290 -4.97 -7.61 17.08
C LYS B 290 -4.35 -7.19 15.74
N PHE B 291 -4.70 -7.94 14.71
CA PHE B 291 -4.23 -7.64 13.35
C PHE B 291 -4.72 -6.27 12.92
N GLN B 292 -6.02 -6.00 13.10
CA GLN B 292 -6.56 -4.72 12.68
C GLN B 292 -5.93 -3.55 13.43
N TYR B 293 -5.63 -3.76 14.71
CA TYR B 293 -5.04 -2.71 15.52
C TYR B 293 -3.69 -2.31 14.94
N ARG B 294 -2.86 -3.31 14.68
CA ARG B 294 -1.54 -3.07 14.14
C ARG B 294 -1.64 -2.54 12.71
N GLN B 295 -2.61 -3.06 11.95
CA GLN B 295 -2.79 -2.61 10.59
C GLN B 295 -3.08 -1.12 10.60
N LEU B 296 -3.97 -0.71 11.50
CA LEU B 296 -4.30 0.71 11.61
C LEU B 296 -3.13 1.51 12.15
N ALA B 297 -2.39 0.95 13.11
CA ALA B 297 -1.23 1.62 13.67
C ALA B 297 -0.19 1.93 12.58
N ASN B 298 -0.05 1.01 11.64
CA ASN B 298 0.89 1.16 10.53
C ASN B 298 0.28 1.94 9.39
N ASN B 299 -1.01 2.25 9.52
CA ASN B 299 -1.76 2.88 8.44
C ASN B 299 -1.70 2.07 7.17
N GLN B 300 -1.86 0.75 7.34
CA GLN B 300 -1.92 -0.17 6.21
C GLN B 300 -3.35 -0.65 5.98
N HIS B 301 -4.31 0.12 6.45
CA HIS B 301 -5.71 -0.28 6.37
C HIS B 301 -6.36 0.11 5.04
N GLU B 302 -5.66 0.94 4.26
CA GLU B 302 -6.20 1.35 2.97
C GLU B 302 -5.42 0.72 1.83
N VAL B 303 -6.10 0.48 0.72
CA VAL B 303 -5.47 -0.02 -0.50
C VAL B 303 -5.93 0.82 -1.68
N PRO B 304 -5.17 0.77 -2.79
CA PRO B 304 -5.54 1.59 -3.94
C PRO B 304 -6.85 1.11 -4.54
N THR B 305 -7.62 2.06 -5.05
CA THR B 305 -8.91 1.71 -5.62
C THR B 305 -8.77 0.77 -6.80
N VAL B 306 -7.70 0.90 -7.56
CA VAL B 306 -7.49 0.01 -8.68
C VAL B 306 -7.36 -1.45 -8.21
N GLY B 307 -6.83 -1.65 -7.00
CA GLY B 307 -6.71 -2.98 -6.43
C GLY B 307 -8.06 -3.54 -6.02
N MET B 308 -8.92 -2.68 -5.49
CA MET B 308 -10.29 -3.09 -5.20
C MET B 308 -10.96 -3.55 -6.48
N ILE B 309 -10.88 -2.70 -7.49
CA ILE B 309 -11.53 -2.96 -8.76
C ILE B 309 -10.96 -4.21 -9.42
N ALA B 310 -9.64 -4.31 -9.47
CA ALA B 310 -9.00 -5.44 -10.12
C ALA B 310 -9.29 -6.75 -9.41
N THR B 311 -9.27 -6.74 -8.08
CA THR B 311 -9.56 -7.95 -7.32
C THR B 311 -11.00 -8.38 -7.55
N GLN B 312 -11.92 -7.43 -7.48
CA GLN B 312 -13.32 -7.75 -7.70
C GLN B 312 -13.51 -8.36 -9.09
N ALA B 313 -12.92 -7.73 -10.11
CA ALA B 313 -13.08 -8.21 -11.47
C ALA B 313 -12.46 -9.60 -11.63
N ALA B 314 -11.30 -9.79 -10.99
CA ALA B 314 -10.60 -11.05 -11.12
C ALA B 314 -11.47 -12.19 -10.62
N PHE B 315 -12.04 -12.03 -9.44
CA PHE B 315 -12.84 -13.09 -8.85
C PHE B 315 -14.22 -13.22 -9.50
N GLN B 316 -14.76 -12.11 -9.98
CA GLN B 316 -16.08 -12.17 -10.60
C GLN B 316 -16.04 -12.81 -11.98
N TYR B 317 -14.94 -12.59 -12.70
CA TYR B 317 -14.89 -12.97 -14.12
C TYR B 317 -13.75 -13.91 -14.49
N GLY B 318 -12.77 -14.06 -13.61
CA GLY B 318 -11.53 -14.68 -13.98
C GLY B 318 -11.47 -16.20 -14.03
N LYS B 319 -12.48 -16.88 -13.48
CA LYS B 319 -12.42 -18.33 -13.39
C LYS B 319 -12.10 -19.04 -14.72
N PRO B 320 -12.82 -18.70 -15.80
CA PRO B 320 -12.54 -19.37 -17.08
C PRO B 320 -11.11 -19.10 -17.57
N TRP B 321 -10.62 -17.88 -17.36
CA TRP B 321 -9.26 -17.56 -17.74
C TRP B 321 -8.29 -18.39 -16.91
N LEU B 322 -8.58 -18.52 -15.62
CA LEU B 322 -7.74 -19.29 -14.72
C LEU B 322 -7.65 -20.73 -15.17
N GLU B 323 -8.80 -21.31 -15.54
CA GLU B 323 -8.78 -22.71 -15.94
C GLU B 323 -7.93 -22.89 -17.21
N GLU B 324 -8.01 -21.95 -18.15
CA GLU B 324 -7.17 -22.07 -19.33
C GLU B 324 -5.70 -21.85 -18.98
N LEU B 325 -5.44 -20.87 -18.11
CA LEU B 325 -4.09 -20.64 -17.64
C LEU B 325 -3.48 -21.92 -17.10
N LYS B 326 -4.22 -22.64 -16.26
CA LYS B 326 -3.67 -23.85 -15.65
C LYS B 326 -3.22 -24.84 -16.71
N THR B 327 -4.03 -24.99 -17.76
CA THR B 327 -3.70 -25.91 -18.84
CA THR B 327 -3.66 -25.94 -18.81
C THR B 327 -2.41 -25.47 -19.56
N VAL B 328 -2.25 -24.16 -19.71
CA VAL B 328 -1.06 -23.64 -20.37
C VAL B 328 0.16 -23.86 -19.48
N ILE B 329 0.02 -23.57 -18.20
CA ILE B 329 1.12 -23.76 -17.26
C ILE B 329 1.49 -25.23 -17.17
N GLU B 330 0.47 -26.08 -17.10
CA GLU B 330 0.69 -27.52 -17.06
C GLU B 330 1.48 -27.98 -18.28
N GLY B 331 1.09 -27.49 -19.44
CA GLY B 331 1.78 -27.82 -20.67
C GLY B 331 3.22 -27.35 -20.64
N ASN B 332 3.43 -26.14 -20.13
CA ASN B 332 4.78 -25.61 -20.03
C ASN B 332 5.63 -26.44 -19.08
N ILE B 333 5.04 -26.84 -17.97
CA ILE B 333 5.74 -27.65 -16.98
C ILE B 333 6.12 -29.00 -17.58
N LYS B 334 5.18 -29.64 -18.25
CA LYS B 334 5.47 -30.91 -18.90
C LYS B 334 6.61 -30.76 -19.91
N LEU B 335 6.62 -29.65 -20.64
CA LEU B 335 7.69 -29.36 -21.59
C LEU B 335 9.04 -29.22 -20.89
N VAL B 336 9.05 -28.50 -19.78
CA VAL B 336 10.27 -28.34 -19.01
C VAL B 336 10.81 -29.69 -18.53
N ILE B 337 9.91 -30.50 -17.99
CA ILE B 337 10.29 -31.82 -17.51
C ILE B 337 10.85 -32.67 -18.64
N LYS B 338 10.11 -32.71 -19.75
CA LYS B 338 10.50 -33.56 -20.87
C LYS B 338 11.87 -33.17 -21.41
N GLU B 339 12.05 -31.90 -21.69
CA GLU B 339 13.27 -31.42 -22.32
CA GLU B 339 13.28 -31.44 -22.33
C GLU B 339 14.48 -31.46 -21.39
N LEU B 340 14.31 -30.97 -20.17
CA LEU B 340 15.44 -30.94 -19.25
C LEU B 340 15.87 -32.33 -18.81
N GLU B 341 14.91 -33.24 -18.64
CA GLU B 341 15.28 -34.58 -18.19
C GLU B 341 15.95 -35.36 -19.30
N ALA B 342 15.53 -35.11 -20.54
CA ALA B 342 16.08 -35.83 -21.68
C ALA B 342 17.45 -35.32 -22.09
N LYS B 343 17.67 -34.02 -21.93
CA LYS B 343 18.80 -33.37 -22.58
C LYS B 343 19.81 -32.71 -21.64
N THR B 344 19.56 -32.79 -20.34
CA THR B 344 20.46 -32.19 -19.36
C THR B 344 20.56 -33.06 -18.12
N LYS B 345 21.36 -32.61 -17.17
CA LYS B 345 21.50 -33.30 -15.90
C LYS B 345 20.76 -32.53 -14.82
N ILE B 346 19.96 -31.56 -15.25
CA ILE B 346 19.15 -30.79 -14.33
C ILE B 346 18.02 -31.67 -13.79
N LYS B 347 17.87 -31.69 -12.46
CA LYS B 347 16.77 -32.43 -11.87
C LYS B 347 15.60 -31.48 -11.71
N VAL B 348 14.46 -31.87 -12.26
CA VAL B 348 13.27 -31.03 -12.27
C VAL B 348 12.30 -31.45 -11.20
N MET B 349 12.02 -30.56 -10.26
CA MET B 349 10.96 -30.79 -9.30
C MET B 349 9.67 -30.37 -9.98
N GLU B 350 8.80 -31.34 -10.27
CA GLU B 350 7.55 -31.01 -10.92
C GLU B 350 6.66 -30.29 -9.92
N PRO B 351 6.25 -29.05 -10.22
CA PRO B 351 5.37 -28.35 -9.29
C PRO B 351 4.05 -29.07 -9.12
N GLU B 352 3.58 -29.20 -7.89
CA GLU B 352 2.20 -29.59 -7.67
C GLU B 352 1.30 -28.39 -7.92
N GLY B 353 1.87 -27.21 -7.72
CA GLY B 353 1.15 -25.97 -7.95
C GLY B 353 2.13 -24.84 -8.14
N THR B 354 1.59 -23.64 -8.33
CA THR B 354 2.34 -22.45 -8.76
C THR B 354 2.81 -22.62 -10.19
N TYR B 355 3.24 -21.53 -10.80
CA TYR B 355 3.75 -21.59 -12.16
C TYR B 355 5.26 -21.47 -12.17
N LEU B 356 5.88 -21.89 -11.07
CA LEU B 356 7.31 -21.73 -10.88
C LEU B 356 7.98 -23.07 -10.68
N VAL B 357 9.02 -23.33 -11.45
CA VAL B 357 9.68 -24.63 -11.42
C VAL B 357 11.04 -24.55 -10.74
N TRP B 358 11.21 -25.36 -9.70
CA TRP B 358 12.44 -25.42 -8.93
C TRP B 358 13.39 -26.43 -9.59
N LEU B 359 14.52 -25.92 -10.05
CA LEU B 359 15.48 -26.69 -10.83
C LEU B 359 16.76 -26.93 -10.07
N ASP B 360 17.18 -28.19 -10.02
CA ASP B 360 18.38 -28.60 -9.30
C ASP B 360 19.53 -28.79 -10.27
N PHE B 361 20.50 -27.87 -10.22
CA PHE B 361 21.67 -27.91 -11.09
C PHE B 361 22.90 -28.52 -10.40
N SER B 362 22.67 -29.23 -9.31
CA SER B 362 23.77 -29.81 -8.52
C SER B 362 24.80 -30.52 -9.39
N ALA B 363 24.34 -31.23 -10.41
CA ALA B 363 25.20 -32.08 -11.23
C ALA B 363 26.33 -31.30 -11.90
N TYR B 364 26.13 -30.01 -12.11
CA TYR B 364 27.13 -29.18 -12.77
C TYR B 364 28.10 -28.53 -11.78
N ALA B 365 27.81 -28.67 -10.50
CA ALA B 365 28.69 -28.19 -9.43
C ALA B 365 29.01 -26.69 -9.49
N ILE B 366 28.14 -25.92 -10.14
CA ILE B 366 28.27 -24.48 -10.14
C ILE B 366 27.23 -23.93 -9.18
N ALA B 367 27.72 -23.37 -8.08
CA ALA B 367 26.84 -22.86 -7.03
C ALA B 367 26.33 -21.48 -7.37
N GLN B 368 25.19 -21.12 -6.79
CA GLN B 368 24.73 -19.74 -6.85
C GLN B 368 25.70 -18.88 -6.06
N PRO B 369 25.92 -17.63 -6.50
CA PRO B 369 25.21 -16.98 -7.61
C PRO B 369 25.87 -17.20 -8.96
N GLN B 370 26.97 -17.93 -9.02
CA GLN B 370 27.62 -18.18 -10.29
C GLN B 370 26.69 -18.92 -11.23
N LEU B 371 25.80 -19.73 -10.65
CA LEU B 371 24.85 -20.51 -11.44
C LEU B 371 23.93 -19.57 -12.20
N SER B 372 23.29 -18.65 -11.49
CA SER B 372 22.39 -17.72 -12.18
C SER B 372 23.16 -16.79 -13.11
N GLU B 373 24.41 -16.48 -12.76
CA GLU B 373 25.24 -15.67 -13.64
C GLU B 373 25.48 -16.40 -14.97
N LYS B 374 25.75 -17.70 -14.88
CA LYS B 374 25.98 -18.52 -16.08
C LYS B 374 24.71 -18.58 -16.90
N LEU B 375 23.59 -18.78 -16.23
CA LEU B 375 22.30 -18.80 -16.91
C LEU B 375 22.04 -17.47 -17.62
N GLN B 376 22.26 -16.36 -16.92
CA GLN B 376 22.01 -15.05 -17.53
C GLN B 376 23.03 -14.71 -18.62
N ASN B 377 24.31 -14.92 -18.32
CA ASN B 377 25.37 -14.48 -19.22
C ASN B 377 25.55 -15.38 -20.43
N GLU B 378 25.39 -16.69 -20.24
CA GLU B 378 25.65 -17.65 -21.31
C GLU B 378 24.36 -18.16 -21.95
N ALA B 379 23.36 -18.50 -21.15
CA ALA B 379 22.11 -18.97 -21.69
C ALA B 379 21.16 -17.82 -22.04
N LYS B 380 21.50 -16.62 -21.59
CA LYS B 380 20.64 -15.46 -21.79
C LYS B 380 19.23 -15.70 -21.26
N VAL B 381 19.16 -16.36 -20.11
CA VAL B 381 17.89 -16.56 -19.42
CA VAL B 381 17.89 -16.54 -19.42
C VAL B 381 18.07 -16.21 -17.95
N VAL B 382 17.12 -15.46 -17.40
CA VAL B 382 17.19 -15.11 -16.00
C VAL B 382 16.22 -15.96 -15.18
N LEU B 383 16.79 -16.75 -14.27
CA LEU B 383 16.03 -17.54 -13.33
C LEU B 383 16.36 -17.02 -11.94
N ASN B 384 15.46 -17.22 -10.98
CA ASN B 384 15.78 -16.81 -9.63
C ASN B 384 16.98 -17.55 -9.11
N ASP B 385 17.81 -16.82 -8.39
CA ASP B 385 18.95 -17.37 -7.68
C ASP B 385 18.41 -18.20 -6.53
N GLY B 386 18.58 -19.52 -6.61
CA GLY B 386 18.04 -20.43 -5.63
C GLY B 386 18.47 -20.13 -4.22
N ALA B 387 19.69 -19.61 -4.06
CA ALA B 387 20.22 -19.37 -2.73
C ALA B 387 19.46 -18.28 -1.98
N HIS B 388 18.77 -17.41 -2.74
CA HIS B 388 18.00 -16.34 -2.12
C HIS B 388 16.89 -16.92 -1.23
N PHE B 389 16.45 -18.13 -1.55
CA PHE B 389 15.36 -18.76 -0.82
C PHE B 389 15.85 -19.53 0.42
N GLY B 390 17.15 -19.69 0.55
CA GLY B 390 17.68 -20.45 1.66
C GLY B 390 18.91 -21.22 1.25
N LYS B 391 19.69 -21.63 2.24
CA LYS B 391 20.94 -22.34 2.00
C LYS B 391 20.76 -23.55 1.10
N GLU B 392 19.61 -24.19 1.21
CA GLU B 392 19.35 -25.42 0.47
C GLU B 392 19.26 -25.16 -1.02
N GLY B 393 19.11 -23.88 -1.39
CA GLY B 393 18.95 -23.52 -2.78
C GLY B 393 20.25 -23.22 -3.48
N LYS B 394 21.36 -23.57 -2.84
CA LYS B 394 22.69 -23.28 -3.35
C LYS B 394 22.87 -23.66 -4.81
N TYR B 395 22.37 -24.83 -5.20
CA TYR B 395 22.56 -25.30 -6.57
C TYR B 395 21.27 -25.28 -7.34
N PHE B 396 20.31 -24.50 -6.89
CA PHE B 396 19.00 -24.43 -7.52
C PHE B 396 18.74 -23.09 -8.20
N ALA B 397 17.79 -23.10 -9.11
CA ALA B 397 17.31 -21.90 -9.75
C ALA B 397 15.83 -22.09 -9.98
N ARG B 398 15.07 -21.01 -10.00
CA ARG B 398 13.62 -21.13 -10.17
C ARG B 398 13.23 -20.54 -11.52
N LEU B 399 12.50 -21.34 -12.29
CA LEU B 399 12.08 -20.98 -13.63
C LEU B 399 10.59 -20.64 -13.64
N ASN B 400 10.28 -19.41 -14.04
CA ASN B 400 8.90 -18.96 -14.13
C ASN B 400 8.34 -19.32 -15.51
N VAL B 401 7.36 -20.21 -15.54
CA VAL B 401 6.78 -20.62 -16.82
C VAL B 401 5.42 -20.01 -17.14
N ALA B 402 5.09 -18.91 -16.45
CA ALA B 402 3.89 -18.15 -16.78
C ALA B 402 4.21 -17.20 -17.92
N THR B 403 4.41 -17.77 -19.08
CA THR B 403 4.81 -17.05 -20.28
C THR B 403 4.46 -18.02 -21.40
N PRO B 404 4.32 -17.53 -22.63
CA PRO B 404 3.84 -18.45 -23.68
C PRO B 404 4.75 -19.65 -23.87
N LYS B 405 4.15 -20.76 -24.30
CA LYS B 405 4.88 -22.00 -24.51
C LYS B 405 6.11 -21.80 -25.38
N ASN B 406 5.98 -21.01 -26.44
CA ASN B 406 7.12 -20.78 -27.34
C ASN B 406 8.28 -20.09 -26.62
N THR B 407 7.95 -19.24 -25.66
CA THR B 407 8.96 -18.58 -24.85
C THR B 407 9.61 -19.56 -23.89
N VAL B 408 8.81 -20.43 -23.28
CA VAL B 408 9.36 -21.48 -22.42
C VAL B 408 10.27 -22.36 -23.26
N GLN B 409 9.82 -22.71 -24.47
CA GLN B 409 10.66 -23.52 -25.36
C GLN B 409 11.98 -22.83 -25.67
N GLU B 410 11.92 -21.54 -26.00
CA GLU B 410 13.15 -20.81 -26.28
C GLU B 410 14.07 -20.83 -25.06
N ALA B 411 13.52 -20.58 -23.88
CA ALA B 411 14.33 -20.57 -22.66
C ALA B 411 14.97 -21.94 -22.44
N LEU B 412 14.19 -22.99 -22.68
CA LEU B 412 14.67 -24.35 -22.49
C LEU B 412 15.81 -24.66 -23.44
N SER B 413 15.62 -24.28 -24.70
CA SER B 413 16.66 -24.55 -25.69
C SER B 413 17.95 -23.82 -25.35
N ARG B 414 17.82 -22.60 -24.87
CA ARG B 414 19.00 -21.84 -24.46
C ARG B 414 19.70 -22.52 -23.28
N ILE B 415 18.92 -22.88 -22.28
CA ILE B 415 19.48 -23.56 -21.11
C ILE B 415 20.18 -24.85 -21.51
N ILE B 416 19.53 -25.64 -22.35
CA ILE B 416 20.06 -26.93 -22.79
C ILE B 416 21.38 -26.76 -23.56
N SER B 417 21.49 -25.68 -24.32
CA SER B 417 22.67 -25.46 -25.12
C SER B 417 23.88 -25.12 -24.27
N VAL B 418 23.63 -24.67 -23.04
CA VAL B 418 24.69 -24.32 -22.11
C VAL B 418 24.92 -25.43 -21.07
N PHE B 419 23.82 -26.09 -20.67
CA PHE B 419 23.88 -27.17 -19.69
C PHE B 419 23.41 -28.46 -20.33
N GLY B 420 24.36 -29.24 -20.83
CA GLY B 420 24.04 -30.47 -21.54
C GLY B 420 24.11 -31.72 -20.69
N LYS B 421 24.29 -32.87 -21.35
CA LYS B 421 24.32 -34.14 -20.64
C LYS B 421 25.69 -34.41 -20.04
#